data_4YVE
#
_entry.id   4YVE
#
_cell.length_a   181.980
_cell.length_b   181.980
_cell.length_c   90.560
_cell.angle_alpha   90.000
_cell.angle_beta   90.000
_cell.angle_gamma   120.000
#
_symmetry.space_group_name_H-M   'P 31 2 1'
#
loop_
_entity.id
_entity.type
_entity.pdbx_description
1 polymer 'Rho-associated protein kinase 1'
2 non-polymer 2-(3-methoxyphenyl)-N-[4-(pyridin-4-yl)-1,3-thiazol-2-yl]acetamide
3 water water
#
_entity_poly.entity_id   1
_entity_poly.type   'polypeptide(L)'
_entity_poly.pdbx_seq_one_letter_code
;GSLHMSFETRFEKMDNLLRDPKSEVNSDCLLDGLDALVYDLDFPALRKNKNIDNFLSRYKDTINKIRDLRMKAEDYEVVK
VIGRGAFGEVQLVRHKSTRKVYAMKLLSKFEMIKRSDSAFFWEERDIMAFANSPWVVQLFYAFQDDRYLYMVMEYMPGGD
LVNLMSNYDVPEKWARFYTAEVVLALDAIHSMGFIHRDVKPDNMLLDKSGHLKLADFGTCMKMNKEGMVRCDTAVGTPDY
ISPEVLKSQGGDGYYGRECDWWSVGVFLYEMLVGDTPFYADSLVGTYSKIMNHKNSLTFPDDNDISKEAKNLICAFLTDR
EVRLGRNGVEEIKRHLFFKNDQWAWETLRDTVAPVVPDLSSDIDTSNFDDLEEDKGEEETFPIPKAFVGNQLPFVGFTYY
SNRRYLSSANPNDNR
;
_entity_poly.pdbx_strand_id   A,B
#
# COMPACT_ATOMS: atom_id res chain seq x y z
N SER A 6 21.16 -7.59 -11.73
CA SER A 6 20.53 -7.48 -13.04
C SER A 6 19.22 -6.76 -12.91
N PHE A 7 18.72 -6.19 -14.04
CA PHE A 7 17.43 -5.48 -14.13
C PHE A 7 16.25 -6.44 -13.78
N GLU A 8 16.36 -7.69 -14.27
CA GLU A 8 15.43 -8.81 -14.13
C GLU A 8 15.46 -9.25 -12.67
N THR A 9 16.67 -9.61 -12.15
CA THR A 9 16.94 -10.00 -10.77
C THR A 9 16.27 -8.99 -9.83
N ARG A 10 16.47 -7.69 -10.05
CA ARG A 10 15.88 -6.63 -9.26
C ARG A 10 14.36 -6.71 -9.23
N PHE A 11 13.72 -6.82 -10.40
CA PHE A 11 12.26 -6.85 -10.44
C PHE A 11 11.69 -8.13 -9.91
N GLU A 12 12.48 -9.21 -9.92
CA GLU A 12 12.07 -10.48 -9.33
C GLU A 12 12.16 -10.39 -7.82
N LYS A 13 13.30 -9.88 -7.27
CA LYS A 13 13.56 -9.72 -5.82
C LYS A 13 12.55 -8.81 -5.18
N MET A 14 12.27 -7.71 -5.86
CA MET A 14 11.29 -6.70 -5.49
C MET A 14 9.89 -7.33 -5.56
N ASP A 15 9.66 -8.27 -6.49
CA ASP A 15 8.36 -8.94 -6.64
C ASP A 15 8.04 -9.90 -5.53
N ASN A 16 9.04 -10.67 -5.09
CA ASN A 16 8.90 -11.64 -4.01
C ASN A 16 8.60 -10.94 -2.69
N LEU A 17 9.03 -9.66 -2.58
CA LEU A 17 8.83 -8.81 -1.40
C LEU A 17 7.39 -8.35 -1.19
N LEU A 18 6.56 -8.40 -2.23
CA LEU A 18 5.16 -7.99 -2.15
C LEU A 18 4.27 -9.22 -2.06
N ARG A 19 4.91 -10.39 -2.08
CA ARG A 19 4.23 -11.67 -2.03
C ARG A 19 4.46 -12.36 -0.71
N ASP A 20 5.70 -12.30 -0.19
CA ASP A 20 6.12 -12.97 1.04
C ASP A 20 5.22 -12.56 2.21
N PRO A 21 4.51 -13.52 2.87
CA PRO A 21 3.66 -13.13 4.01
C PRO A 21 4.51 -12.70 5.21
N LYS A 22 5.77 -13.14 5.23
CA LYS A 22 6.72 -12.80 6.27
C LYS A 22 7.39 -11.42 6.01
N SER A 23 7.14 -10.79 4.83
CA SER A 23 7.71 -9.49 4.43
C SER A 23 6.98 -8.27 5.01
N GLU A 24 7.79 -7.25 5.43
CA GLU A 24 7.32 -5.97 6.02
C GLU A 24 6.60 -5.08 4.99
N VAL A 25 6.82 -5.34 3.69
CA VAL A 25 6.29 -4.57 2.57
C VAL A 25 5.40 -5.35 1.63
N ASN A 26 4.74 -6.43 2.12
CA ASN A 26 3.82 -7.18 1.27
C ASN A 26 2.50 -6.40 1.10
N SER A 27 1.69 -6.75 0.10
CA SER A 27 0.42 -6.07 -0.18
C SER A 27 -0.45 -5.76 1.10
N ASP A 28 -0.40 -6.67 2.10
CA ASP A 28 -1.10 -6.55 3.38
C ASP A 28 -0.62 -5.33 4.17
N CYS A 29 0.71 -5.12 4.27
CA CYS A 29 1.29 -3.97 4.96
C CYS A 29 1.05 -2.74 4.16
N LEU A 30 1.27 -2.84 2.84
CA LEU A 30 1.13 -1.72 1.93
C LEU A 30 -0.27 -1.12 2.02
N LEU A 31 -1.32 -1.95 1.87
CA LEU A 31 -2.69 -1.51 1.96
C LEU A 31 -2.98 -0.85 3.31
N ASP A 32 -2.48 -1.48 4.41
CA ASP A 32 -2.61 -1.01 5.79
C ASP A 32 -2.03 0.38 5.94
N GLY A 33 -0.84 0.59 5.37
CA GLY A 33 -0.10 1.85 5.38
C GLY A 33 -0.87 3.03 4.80
N LEU A 34 -1.56 2.79 3.65
CA LEU A 34 -2.39 3.80 2.98
C LEU A 34 -3.63 4.02 3.82
N ASP A 35 -4.31 2.90 4.19
CA ASP A 35 -5.52 2.90 5.05
C ASP A 35 -5.30 3.70 6.38
N ALA A 36 -4.03 3.65 6.93
CA ALA A 36 -3.52 4.29 8.13
C ALA A 36 -3.41 5.76 7.92
N LEU A 37 -2.82 6.14 6.79
CA LEU A 37 -2.64 7.53 6.41
C LEU A 37 -3.98 8.22 6.24
N VAL A 38 -4.90 7.58 5.52
CA VAL A 38 -6.25 8.10 5.28
C VAL A 38 -7.02 8.33 6.59
N TYR A 39 -6.86 7.42 7.58
CA TYR A 39 -7.51 7.50 8.89
C TYR A 39 -6.90 8.60 9.75
N ASP A 40 -5.54 8.59 9.87
CA ASP A 40 -4.73 9.53 10.67
C ASP A 40 -4.68 10.99 10.13
N LEU A 41 -5.28 11.25 8.94
CA LEU A 41 -5.30 12.58 8.33
C LEU A 41 -6.72 13.13 8.12
N ASP A 42 -7.78 12.33 8.21
CA ASP A 42 -9.14 12.81 7.99
C ASP A 42 -9.74 13.63 9.17
N PHE A 43 -9.13 14.78 9.48
CA PHE A 43 -9.59 15.68 10.54
C PHE A 43 -9.55 17.10 10.01
N PRO A 44 -10.52 17.97 10.40
CA PRO A 44 -10.55 19.32 9.81
C PRO A 44 -9.32 20.18 10.03
N ALA A 45 -8.69 20.10 11.22
CA ALA A 45 -7.49 20.86 11.59
C ALA A 45 -6.31 20.56 10.68
N LEU A 46 -6.16 19.28 10.29
CA LEU A 46 -5.11 18.79 9.40
C LEU A 46 -5.48 19.08 7.94
N ARG A 47 -6.79 18.98 7.60
CA ARG A 47 -7.39 19.26 6.28
C ARG A 47 -7.28 20.77 5.89
N LYS A 48 -6.93 21.65 6.86
CA LYS A 48 -6.69 23.08 6.63
C LYS A 48 -5.49 23.23 5.70
N ASN A 49 -4.53 22.24 5.75
CA ASN A 49 -3.36 22.10 4.88
C ASN A 49 -3.90 21.49 3.59
N LYS A 50 -3.54 22.10 2.43
CA LYS A 50 -4.05 21.62 1.13
C LYS A 50 -3.41 20.32 0.68
N ASN A 51 -2.07 20.13 0.83
CA ASN A 51 -1.38 18.87 0.46
C ASN A 51 -2.15 17.66 1.01
N ILE A 52 -2.61 17.80 2.27
CA ILE A 52 -3.40 16.85 3.02
C ILE A 52 -4.81 16.76 2.45
N ASP A 53 -5.52 17.90 2.37
CA ASP A 53 -6.89 17.95 1.84
C ASP A 53 -7.02 17.28 0.46
N ASN A 54 -6.12 17.64 -0.46
CA ASN A 54 -6.08 17.12 -1.83
C ASN A 54 -5.78 15.64 -1.85
N PHE A 55 -4.78 15.20 -1.04
CA PHE A 55 -4.43 13.78 -0.95
C PHE A 55 -5.65 12.95 -0.55
N LEU A 56 -6.37 13.38 0.48
CA LEU A 56 -7.56 12.71 1.00
C LEU A 56 -8.68 12.74 0.00
N SER A 57 -9.01 13.94 -0.55
CA SER A 57 -10.06 14.12 -1.55
C SER A 57 -9.82 13.26 -2.77
N ARG A 58 -8.54 13.09 -3.18
CA ARG A 58 -8.10 12.26 -4.29
C ARG A 58 -8.39 10.77 -4.04
N TYR A 59 -7.85 10.22 -2.93
CA TYR A 59 -8.02 8.83 -2.59
C TYR A 59 -9.36 8.47 -1.94
N LYS A 60 -10.26 9.46 -1.75
CA LYS A 60 -11.58 9.28 -1.11
C LYS A 60 -12.35 8.09 -1.69
N ASP A 61 -12.74 8.17 -2.97
CA ASP A 61 -13.51 7.14 -3.67
C ASP A 61 -12.81 5.76 -3.70
N THR A 62 -11.47 5.77 -3.85
CA THR A 62 -10.58 4.60 -3.90
C THR A 62 -10.53 3.88 -2.53
N ILE A 63 -10.15 4.60 -1.44
CA ILE A 63 -10.00 4.11 -0.07
C ILE A 63 -11.27 3.50 0.48
N ASN A 64 -12.42 3.97 -0.01
CA ASN A 64 -13.70 3.45 0.43
C ASN A 64 -13.91 2.09 -0.22
N LYS A 65 -13.57 1.94 -1.53
CA LYS A 65 -13.66 0.67 -2.27
C LYS A 65 -12.79 -0.38 -1.55
N ILE A 66 -11.53 0.00 -1.23
CA ILE A 66 -10.56 -0.79 -0.48
C ILE A 66 -11.19 -1.25 0.83
N ARG A 67 -11.75 -0.30 1.60
CA ARG A 67 -12.39 -0.54 2.90
C ARG A 67 -13.52 -1.54 2.83
N ASP A 68 -14.41 -1.43 1.82
CA ASP A 68 -15.52 -2.36 1.64
C ASP A 68 -15.05 -3.76 1.17
N LEU A 69 -14.02 -3.82 0.28
CA LEU A 69 -13.51 -5.08 -0.29
C LEU A 69 -12.71 -5.94 0.69
N ARG A 70 -11.86 -5.27 1.49
CA ARG A 70 -11.03 -5.92 2.48
C ARG A 70 -11.87 -6.34 3.68
N MET A 71 -11.33 -7.24 4.49
CA MET A 71 -12.03 -7.75 5.65
C MET A 71 -12.29 -6.66 6.67
N LYS A 72 -13.55 -6.56 7.05
CA LYS A 72 -14.07 -5.62 8.04
C LYS A 72 -14.79 -6.40 9.15
N ALA A 73 -15.03 -5.75 10.30
CA ALA A 73 -15.70 -6.38 11.44
C ALA A 73 -17.16 -6.71 11.14
N GLU A 74 -17.82 -5.88 10.31
CA GLU A 74 -19.23 -6.06 9.90
C GLU A 74 -19.43 -7.26 8.96
N ASP A 75 -18.34 -7.97 8.64
CA ASP A 75 -18.36 -9.21 7.84
C ASP A 75 -18.74 -10.36 8.79
N TYR A 76 -18.62 -10.13 10.12
CA TYR A 76 -18.90 -11.11 11.12
C TYR A 76 -20.12 -10.80 11.94
N GLU A 77 -20.95 -11.83 12.17
CA GLU A 77 -22.17 -11.83 12.98
C GLU A 77 -21.72 -12.35 14.37
N VAL A 78 -21.81 -11.50 15.42
CA VAL A 78 -21.32 -11.89 16.75
C VAL A 78 -22.39 -12.71 17.47
N VAL A 79 -22.03 -13.98 17.77
CA VAL A 79 -22.87 -14.99 18.41
C VAL A 79 -22.94 -14.76 19.91
N LYS A 80 -21.78 -14.69 20.59
CA LYS A 80 -21.71 -14.41 22.03
C LYS A 80 -20.32 -13.91 22.36
N VAL A 81 -20.20 -13.09 23.42
CA VAL A 81 -18.88 -12.65 23.89
C VAL A 81 -18.45 -13.81 24.77
N ILE A 82 -17.47 -14.58 24.28
CA ILE A 82 -17.07 -15.77 25.02
C ILE A 82 -15.99 -15.46 26.07
N GLY A 83 -15.43 -14.26 26.02
CA GLY A 83 -14.39 -13.84 26.96
C GLY A 83 -14.07 -12.36 26.95
N ARG A 84 -13.36 -11.95 28.00
CA ARG A 84 -12.91 -10.58 28.21
C ARG A 84 -11.53 -10.65 28.88
N GLY A 85 -10.61 -9.84 28.36
CA GLY A 85 -9.26 -9.73 28.90
C GLY A 85 -8.87 -8.30 29.18
N ALA A 86 -7.56 -8.08 29.33
CA ALA A 86 -6.91 -6.82 29.65
C ALA A 86 -7.21 -5.66 28.69
N PHE A 87 -6.93 -5.88 27.40
CA PHE A 87 -7.04 -4.86 26.38
C PHE A 87 -8.18 -5.07 25.39
N GLY A 88 -9.10 -5.98 25.69
CA GLY A 88 -10.23 -6.20 24.79
C GLY A 88 -11.11 -7.37 25.17
N GLU A 89 -11.79 -7.93 24.16
CA GLU A 89 -12.67 -9.08 24.38
C GLU A 89 -12.63 -10.11 23.23
N VAL A 90 -12.76 -11.39 23.58
CA VAL A 90 -12.81 -12.47 22.62
C VAL A 90 -14.29 -12.76 22.37
N GLN A 91 -14.65 -13.11 21.12
CA GLN A 91 -16.05 -13.39 20.81
C GLN A 91 -16.26 -14.44 19.73
N LEU A 92 -17.20 -15.36 20.03
CA LEU A 92 -17.61 -16.37 19.09
C LEU A 92 -18.42 -15.62 18.03
N VAL A 93 -17.98 -15.75 16.77
CA VAL A 93 -18.61 -15.08 15.64
C VAL A 93 -18.88 -16.07 14.51
N ARG A 94 -19.71 -15.66 13.55
CA ARG A 94 -20.01 -16.41 12.34
C ARG A 94 -19.80 -15.48 11.17
N HIS A 95 -18.84 -15.80 10.28
CA HIS A 95 -18.57 -14.99 9.10
C HIS A 95 -19.83 -15.02 8.25
N LYS A 96 -20.50 -13.86 8.09
CA LYS A 96 -21.77 -13.68 7.39
C LYS A 96 -21.83 -14.35 6.00
N SER A 97 -20.77 -14.19 5.15
CA SER A 97 -20.70 -14.77 3.80
C SER A 97 -20.46 -16.30 3.77
N THR A 98 -19.30 -16.75 4.30
CA THR A 98 -18.85 -18.15 4.37
C THR A 98 -19.72 -18.99 5.31
N ARG A 99 -20.41 -18.32 6.27
CA ARG A 99 -21.24 -18.86 7.34
C ARG A 99 -20.39 -19.78 8.26
N LYS A 100 -19.08 -19.49 8.30
CA LYS A 100 -18.09 -20.22 9.10
C LYS A 100 -17.98 -19.66 10.51
N VAL A 101 -17.72 -20.53 11.50
CA VAL A 101 -17.66 -20.16 12.92
C VAL A 101 -16.21 -20.03 13.46
N TYR A 102 -15.89 -18.90 14.09
CA TYR A 102 -14.55 -18.62 14.62
C TYR A 102 -14.58 -17.91 15.98
N ALA A 103 -13.44 -17.89 16.67
CA ALA A 103 -13.26 -17.14 17.92
C ALA A 103 -12.44 -15.92 17.51
N MET A 104 -12.96 -14.68 17.81
CA MET A 104 -12.34 -13.43 17.39
C MET A 104 -11.85 -12.56 18.55
N LYS A 105 -10.51 -12.46 18.69
CA LYS A 105 -9.89 -11.67 19.73
C LYS A 105 -9.75 -10.22 19.25
N LEU A 106 -10.45 -9.30 19.94
CA LEU A 106 -10.44 -7.86 19.68
C LEU A 106 -9.47 -7.18 20.64
N LEU A 107 -8.63 -6.31 20.11
CA LEU A 107 -7.67 -5.58 20.92
C LEU A 107 -7.82 -4.05 20.66
N SER A 108 -8.31 -3.31 21.69
CA SER A 108 -8.50 -1.87 21.61
C SER A 108 -7.19 -1.16 21.40
N LYS A 109 -7.06 -0.55 20.20
CA LYS A 109 -5.93 0.27 19.76
C LYS A 109 -5.77 1.49 20.67
N PHE A 110 -6.89 2.03 21.21
CA PHE A 110 -6.81 3.14 22.15
C PHE A 110 -6.18 2.72 23.47
N GLU A 111 -6.68 1.59 24.02
CA GLU A 111 -6.23 1.04 25.29
C GLU A 111 -4.76 0.68 25.26
N MET A 112 -4.32 -0.05 24.23
CA MET A 112 -2.91 -0.39 24.10
C MET A 112 -2.07 0.87 24.07
N ILE A 113 -2.34 1.78 23.11
CA ILE A 113 -1.58 3.01 22.99
C ILE A 113 -1.46 3.72 24.36
N LYS A 114 -2.57 3.88 25.14
CA LYS A 114 -2.56 4.50 26.48
C LYS A 114 -1.75 3.64 27.48
N ARG A 115 -0.43 3.86 27.45
CA ARG A 115 0.59 3.15 28.23
C ARG A 115 0.69 1.63 28.07
N SER A 116 0.58 1.13 26.84
CA SER A 116 0.71 -0.31 26.59
C SER A 116 2.08 -0.92 26.91
N ASP A 117 3.14 -0.26 26.47
CA ASP A 117 4.53 -0.65 26.74
C ASP A 117 5.00 -2.02 26.25
N SER A 118 4.42 -2.56 25.19
CA SER A 118 4.73 -3.93 24.78
C SER A 118 4.92 -4.20 23.29
N ALA A 119 3.81 -4.08 22.56
CA ALA A 119 3.66 -4.47 21.14
C ALA A 119 3.56 -6.02 21.14
N PHE A 120 2.94 -6.53 22.20
CA PHE A 120 2.74 -7.91 22.56
C PHE A 120 2.06 -8.74 21.49
N PHE A 121 1.06 -8.13 20.81
CA PHE A 121 0.22 -8.72 19.76
C PHE A 121 1.02 -9.16 18.56
N TRP A 122 2.24 -8.64 18.39
CA TRP A 122 3.03 -8.98 17.24
C TRP A 122 3.40 -10.46 17.24
N GLU A 123 4.10 -10.98 18.29
CA GLU A 123 4.43 -12.42 18.27
C GLU A 123 3.20 -13.30 18.49
N GLU A 124 2.15 -12.77 19.17
CA GLU A 124 0.87 -13.47 19.36
C GLU A 124 0.29 -13.82 17.97
N ARG A 125 0.44 -12.88 17.00
CA ARG A 125 0.02 -13.00 15.60
C ARG A 125 0.89 -14.03 14.88
N ASP A 126 2.22 -13.84 14.90
CA ASP A 126 3.16 -14.72 14.21
C ASP A 126 3.07 -16.16 14.65
N ILE A 127 3.02 -16.38 15.98
CA ILE A 127 2.95 -17.72 16.58
C ILE A 127 1.72 -18.43 16.07
N MET A 128 0.52 -17.83 16.27
CA MET A 128 -0.74 -18.41 15.83
C MET A 128 -0.85 -18.56 14.31
N ALA A 129 -0.32 -17.58 13.56
CA ALA A 129 -0.38 -17.57 12.11
C ALA A 129 0.50 -18.61 11.43
N PHE A 130 1.70 -18.85 11.96
CA PHE A 130 2.67 -19.70 11.32
C PHE A 130 3.15 -20.92 12.10
N ALA A 131 2.67 -21.15 13.35
CA ALA A 131 3.13 -22.27 14.18
C ALA A 131 3.05 -23.59 13.47
N ASN A 132 1.88 -23.82 12.83
CA ASN A 132 1.54 -25.07 12.16
C ASN A 132 1.73 -26.27 13.11
N SER A 133 1.09 -26.17 14.31
CA SER A 133 1.12 -27.22 15.31
C SER A 133 -0.27 -27.47 15.82
N PRO A 134 -0.61 -28.76 16.07
CA PRO A 134 -1.90 -29.06 16.67
C PRO A 134 -1.97 -28.56 18.11
N TRP A 135 -0.86 -28.01 18.63
CA TRP A 135 -0.75 -27.53 19.99
C TRP A 135 -0.96 -26.03 20.12
N VAL A 136 -0.96 -25.33 19.01
CA VAL A 136 -1.13 -23.88 18.99
C VAL A 136 -2.47 -23.56 18.31
N VAL A 137 -3.24 -22.65 18.91
CA VAL A 137 -4.49 -22.19 18.30
C VAL A 137 -4.12 -21.50 16.96
N GLN A 138 -4.90 -21.76 15.91
CA GLN A 138 -4.61 -21.24 14.57
C GLN A 138 -5.24 -19.86 14.18
N LEU A 139 -4.41 -18.96 13.63
CA LEU A 139 -4.87 -17.68 13.14
C LEU A 139 -5.15 -17.85 11.64
N PHE A 140 -6.40 -17.54 11.22
CA PHE A 140 -6.82 -17.60 9.80
C PHE A 140 -6.76 -16.24 9.17
N TYR A 141 -7.17 -15.20 9.91
CA TYR A 141 -7.16 -13.81 9.45
C TYR A 141 -6.86 -12.86 10.59
N ALA A 142 -6.12 -11.81 10.27
CA ALA A 142 -5.82 -10.73 11.19
C ALA A 142 -6.14 -9.47 10.39
N PHE A 143 -6.96 -8.58 10.95
CA PHE A 143 -7.36 -7.35 10.26
C PHE A 143 -7.56 -6.25 11.27
N GLN A 144 -7.75 -5.00 10.81
CA GLN A 144 -7.90 -3.86 11.75
C GLN A 144 -8.91 -2.80 11.29
N ASP A 145 -8.94 -1.69 12.02
CA ASP A 145 -9.72 -0.47 11.76
C ASP A 145 -9.20 0.70 12.62
N ASP A 146 -9.93 1.82 12.64
CA ASP A 146 -9.49 2.99 13.39
C ASP A 146 -9.48 2.77 14.91
N ARG A 147 -10.16 1.71 15.40
CA ARG A 147 -10.33 1.40 16.84
C ARG A 147 -9.72 0.08 17.34
N TYR A 148 -9.83 -1.04 16.56
CA TYR A 148 -9.34 -2.36 17.04
C TYR A 148 -8.46 -3.16 16.11
N LEU A 149 -7.80 -4.17 16.70
CA LEU A 149 -7.01 -5.21 16.05
C LEU A 149 -7.84 -6.49 16.19
N TYR A 150 -8.06 -7.22 15.12
CA TYR A 150 -8.89 -8.40 15.18
C TYR A 150 -8.11 -9.64 14.82
N MET A 151 -8.27 -10.71 15.61
CA MET A 151 -7.61 -11.98 15.32
C MET A 151 -8.69 -13.01 15.15
N VAL A 152 -8.80 -13.59 13.94
CA VAL A 152 -9.80 -14.58 13.60
C VAL A 152 -9.13 -15.94 13.69
N MET A 153 -9.33 -16.61 14.86
CA MET A 153 -8.74 -17.90 15.20
C MET A 153 -9.80 -19.00 15.18
N GLU A 154 -9.37 -20.31 15.18
CA GLU A 154 -10.29 -21.45 15.25
C GLU A 154 -10.87 -21.49 16.67
N TYR A 155 -12.20 -21.69 16.77
CA TYR A 155 -12.89 -21.72 18.06
C TYR A 155 -12.64 -23.04 18.79
N MET A 156 -12.30 -22.93 20.10
CA MET A 156 -12.04 -24.06 20.98
C MET A 156 -13.30 -24.32 21.82
N PRO A 157 -14.27 -25.13 21.33
CA PRO A 157 -15.52 -25.32 22.07
C PRO A 157 -15.44 -26.01 23.43
N GLY A 158 -14.32 -26.72 23.70
CA GLY A 158 -14.10 -27.43 24.95
C GLY A 158 -13.85 -26.52 26.12
N GLY A 159 -13.56 -25.25 25.85
CA GLY A 159 -13.31 -24.27 26.89
C GLY A 159 -11.91 -24.40 27.43
N ASP A 160 -11.61 -23.66 28.50
CA ASP A 160 -10.30 -23.69 29.12
C ASP A 160 -10.20 -24.67 30.28
N LEU A 161 -8.96 -24.94 30.72
CA LEU A 161 -8.65 -25.86 31.81
C LEU A 161 -9.13 -25.33 33.16
N VAL A 162 -9.31 -24.00 33.27
CA VAL A 162 -9.79 -23.37 34.51
C VAL A 162 -11.24 -23.78 34.76
N ASN A 163 -12.01 -23.94 33.66
CA ASN A 163 -13.39 -24.38 33.69
C ASN A 163 -13.44 -25.86 34.03
N LEU A 164 -12.57 -26.68 33.43
CA LEU A 164 -12.55 -28.13 33.72
C LEU A 164 -12.28 -28.39 35.19
N MET A 165 -11.27 -27.71 35.73
CA MET A 165 -10.80 -27.86 37.07
C MET A 165 -11.82 -27.44 38.07
N SER A 166 -12.59 -26.39 37.74
CA SER A 166 -13.65 -25.84 38.58
C SER A 166 -14.94 -26.70 38.56
N ASN A 167 -15.00 -27.73 37.71
CA ASN A 167 -16.18 -28.59 37.56
C ASN A 167 -15.92 -30.05 37.88
N TYR A 168 -14.65 -30.42 38.09
CA TYR A 168 -14.22 -31.80 38.38
C TYR A 168 -13.11 -31.85 39.42
N ASP A 169 -13.11 -32.94 40.21
CA ASP A 169 -12.01 -33.17 41.13
C ASP A 169 -11.12 -34.03 40.23
N VAL A 170 -10.20 -33.39 39.49
CA VAL A 170 -9.32 -34.04 38.52
C VAL A 170 -8.59 -35.29 39.08
N PRO A 171 -8.94 -36.51 38.61
CA PRO A 171 -8.18 -37.70 39.03
C PRO A 171 -6.78 -37.63 38.47
N GLU A 172 -5.83 -38.33 39.10
CA GLU A 172 -4.43 -38.32 38.67
C GLU A 172 -4.28 -38.77 37.22
N LYS A 173 -5.04 -39.81 36.82
CA LYS A 173 -5.00 -40.29 35.45
C LYS A 173 -5.27 -39.16 34.41
N TRP A 174 -6.23 -38.25 34.71
CA TRP A 174 -6.55 -37.11 33.83
C TRP A 174 -5.43 -36.08 33.86
N ALA A 175 -4.93 -35.75 35.10
CA ALA A 175 -3.85 -34.77 35.32
C ALA A 175 -2.63 -35.18 34.52
N ARG A 176 -2.33 -36.51 34.50
CA ARG A 176 -1.21 -37.04 33.71
C ARG A 176 -1.35 -36.64 32.24
N PHE A 177 -2.53 -36.91 31.64
CA PHE A 177 -2.87 -36.56 30.26
C PHE A 177 -2.66 -35.06 29.99
N TYR A 178 -3.36 -34.19 30.77
CA TYR A 178 -3.30 -32.75 30.62
C TYR A 178 -1.86 -32.21 30.77
N THR A 179 -1.14 -32.61 31.86
CA THR A 179 0.27 -32.22 32.06
C THR A 179 1.12 -32.56 30.82
N ALA A 180 1.09 -33.85 30.40
CA ALA A 180 1.79 -34.42 29.23
C ALA A 180 1.55 -33.58 27.98
N GLU A 181 0.25 -33.27 27.67
CA GLU A 181 -0.15 -32.46 26.51
C GLU A 181 0.47 -31.09 26.60
N VAL A 182 0.47 -30.48 27.84
CA VAL A 182 1.08 -29.15 28.10
C VAL A 182 2.59 -29.19 27.84
N VAL A 183 3.25 -30.30 28.21
CA VAL A 183 4.69 -30.50 27.97
C VAL A 183 4.96 -30.48 26.43
N LEU A 184 4.13 -31.22 25.67
CA LEU A 184 4.26 -31.29 24.21
C LEU A 184 3.99 -29.92 23.59
N ALA A 185 2.96 -29.23 24.11
CA ALA A 185 2.56 -27.93 23.64
C ALA A 185 3.67 -26.89 23.89
N LEU A 186 4.23 -26.82 25.13
CA LEU A 186 5.31 -25.89 25.46
C LEU A 186 6.54 -26.15 24.65
N ASP A 187 6.89 -27.45 24.48
CA ASP A 187 8.04 -27.88 23.71
C ASP A 187 7.99 -27.31 22.29
N ALA A 188 6.80 -27.39 21.65
CA ALA A 188 6.52 -26.87 20.30
C ALA A 188 6.85 -25.37 20.19
N ILE A 189 6.42 -24.57 21.20
CA ILE A 189 6.66 -23.13 21.33
C ILE A 189 8.18 -22.88 21.49
N HIS A 190 8.84 -23.64 22.39
CA HIS A 190 10.27 -23.54 22.63
C HIS A 190 11.01 -23.83 21.35
N SER A 191 10.54 -24.84 20.58
CA SER A 191 11.11 -25.22 19.27
C SER A 191 11.01 -24.08 18.26
N MET A 192 9.93 -23.27 18.35
CA MET A 192 9.69 -22.10 17.51
C MET A 192 10.61 -20.96 17.95
N GLY A 193 11.36 -21.21 19.03
CA GLY A 193 12.27 -20.23 19.61
C GLY A 193 11.74 -19.32 20.69
N PHE A 194 10.52 -19.56 21.15
CA PHE A 194 9.86 -18.68 22.12
C PHE A 194 9.83 -19.24 23.53
N ILE A 195 9.80 -18.35 24.51
CA ILE A 195 9.52 -18.73 25.89
C ILE A 195 8.14 -18.19 26.21
N HIS A 196 7.25 -19.05 26.72
CA HIS A 196 5.85 -18.68 26.86
C HIS A 196 5.68 -17.57 27.91
N ARG A 197 6.54 -17.59 28.95
CA ARG A 197 6.57 -16.63 30.05
C ARG A 197 5.29 -16.52 30.94
N ASP A 198 4.14 -17.11 30.53
CA ASP A 198 2.93 -17.07 31.34
C ASP A 198 2.06 -18.34 31.18
N VAL A 199 2.60 -19.52 31.52
CA VAL A 199 1.85 -20.78 31.44
C VAL A 199 0.81 -20.94 32.59
N LYS A 200 -0.49 -20.90 32.26
CA LYS A 200 -1.55 -21.08 33.26
C LYS A 200 -2.78 -21.80 32.68
N PRO A 201 -3.66 -22.37 33.54
CA PRO A 201 -4.88 -23.03 33.02
C PRO A 201 -5.75 -22.17 32.11
N ASP A 202 -5.67 -20.85 32.26
CA ASP A 202 -6.41 -19.87 31.48
C ASP A 202 -6.03 -19.92 30.01
N ASN A 203 -4.76 -20.29 29.72
CA ASN A 203 -4.19 -20.36 28.37
C ASN A 203 -4.25 -21.75 27.76
N MET A 204 -4.74 -22.73 28.53
CA MET A 204 -4.91 -24.10 28.09
C MET A 204 -6.36 -24.23 27.56
N LEU A 205 -6.51 -24.47 26.25
CA LEU A 205 -7.84 -24.54 25.61
C LEU A 205 -8.10 -25.94 25.09
N LEU A 206 -9.36 -26.37 25.11
CA LEU A 206 -9.72 -27.73 24.65
C LEU A 206 -10.54 -27.72 23.37
N ASP A 207 -10.17 -28.55 22.38
CA ASP A 207 -10.90 -28.61 21.10
C ASP A 207 -12.23 -29.42 21.15
N LYS A 208 -12.82 -29.66 19.96
CA LYS A 208 -14.05 -30.41 19.83
C LYS A 208 -13.91 -31.81 20.44
N SER A 209 -12.64 -32.32 20.48
CA SER A 209 -12.24 -33.66 20.92
C SER A 209 -11.72 -33.73 22.33
N GLY A 210 -11.56 -32.58 22.98
CA GLY A 210 -11.04 -32.51 24.34
C GLY A 210 -9.53 -32.47 24.41
N HIS A 211 -8.83 -32.34 23.26
CA HIS A 211 -7.38 -32.23 23.19
C HIS A 211 -6.92 -30.77 23.39
N LEU A 212 -5.71 -30.61 23.88
CA LEU A 212 -5.19 -29.31 24.27
C LEU A 212 -4.53 -28.51 23.15
N LYS A 213 -4.60 -27.19 23.31
CA LYS A 213 -3.99 -26.13 22.51
C LYS A 213 -3.68 -24.96 23.47
N LEU A 214 -2.53 -24.30 23.26
CA LEU A 214 -2.15 -23.13 24.02
C LEU A 214 -2.69 -21.92 23.27
N ALA A 215 -3.13 -20.91 24.02
CA ALA A 215 -3.62 -19.66 23.47
C ALA A 215 -3.01 -18.49 24.28
N ASP A 216 -3.26 -17.22 23.83
CA ASP A 216 -2.86 -15.96 24.49
C ASP A 216 -1.29 -15.85 24.70
N PHE A 217 -0.55 -15.84 23.61
CA PHE A 217 0.88 -15.69 23.76
C PHE A 217 1.20 -14.22 23.86
N GLY A 218 0.53 -13.57 24.82
CA GLY A 218 0.75 -12.16 25.09
C GLY A 218 2.15 -11.93 25.59
N THR A 219 2.63 -12.86 26.41
CA THR A 219 3.90 -12.71 27.11
C THR A 219 5.09 -13.33 26.41
N CYS A 220 4.87 -13.89 25.23
CA CYS A 220 5.91 -14.60 24.52
C CYS A 220 7.10 -13.71 24.16
N MET A 221 8.30 -14.27 24.23
CA MET A 221 9.52 -13.55 23.85
C MET A 221 10.45 -14.53 23.15
N LYS A 222 11.25 -14.04 22.19
CA LYS A 222 12.16 -14.88 21.41
C LYS A 222 13.45 -15.08 22.16
N MET A 223 13.88 -16.34 22.27
CA MET A 223 15.13 -16.70 22.94
C MET A 223 16.33 -16.31 22.11
N ASN A 224 17.40 -15.84 22.76
CA ASN A 224 18.65 -15.44 22.11
C ASN A 224 19.50 -16.67 21.77
N LYS A 225 20.67 -16.43 21.16
CA LYS A 225 21.68 -17.41 20.72
C LYS A 225 21.88 -18.58 21.73
N GLU A 226 21.93 -18.23 23.06
CA GLU A 226 22.14 -19.19 24.14
C GLU A 226 20.84 -19.51 24.89
N GLY A 227 19.71 -19.44 24.16
CA GLY A 227 18.36 -19.75 24.63
C GLY A 227 17.86 -19.00 25.85
N MET A 228 18.26 -17.72 25.94
CA MET A 228 17.95 -16.84 27.06
C MET A 228 17.19 -15.61 26.61
N VAL A 229 16.51 -14.96 27.56
CA VAL A 229 15.76 -13.74 27.38
C VAL A 229 16.26 -12.79 28.47
N ARG A 230 16.46 -11.50 28.13
CA ARG A 230 16.94 -10.53 29.13
C ARG A 230 15.89 -9.47 29.34
N CYS A 231 14.84 -9.83 30.08
CA CYS A 231 13.76 -8.92 30.41
C CYS A 231 14.03 -8.33 31.81
N ASP A 232 14.22 -7.00 31.89
CA ASP A 232 14.55 -6.27 33.12
C ASP A 232 13.40 -6.14 34.13
N THR A 233 12.18 -6.52 33.70
CA THR A 233 10.95 -6.48 34.50
C THR A 233 10.14 -7.82 34.48
N ALA A 234 9.57 -8.18 35.67
CA ALA A 234 8.76 -9.40 35.84
C ALA A 234 7.54 -9.40 34.97
N VAL A 235 7.25 -10.59 34.42
CA VAL A 235 6.14 -10.88 33.52
C VAL A 235 5.44 -12.20 33.90
N GLY A 236 4.11 -12.21 33.83
CA GLY A 236 3.31 -13.41 34.11
C GLY A 236 2.12 -13.17 35.01
N THR A 237 1.64 -14.28 35.70
CA THR A 237 0.51 -14.29 36.68
C THR A 237 1.03 -14.50 38.12
N PRO A 238 0.48 -13.85 39.18
CA PRO A 238 1.08 -13.98 40.52
C PRO A 238 1.33 -15.38 41.07
N ASP A 239 0.49 -16.38 40.76
CA ASP A 239 0.69 -17.73 41.34
C ASP A 239 1.62 -18.55 40.51
N TYR A 240 1.49 -18.48 39.19
CA TYR A 240 2.28 -19.34 38.29
C TYR A 240 3.71 -18.85 38.03
N ILE A 241 4.04 -17.59 38.39
CA ILE A 241 5.36 -16.97 38.19
C ILE A 241 6.48 -17.75 38.88
N SER A 242 7.58 -17.96 38.14
CA SER A 242 8.82 -18.61 38.61
C SER A 242 9.60 -17.57 39.44
N PRO A 243 10.32 -17.98 40.52
CA PRO A 243 11.07 -16.99 41.34
C PRO A 243 12.14 -16.16 40.61
N GLU A 244 12.74 -16.72 39.57
CA GLU A 244 13.75 -16.03 38.79
C GLU A 244 13.12 -14.93 37.98
N VAL A 245 12.02 -15.24 37.31
CA VAL A 245 11.33 -14.26 36.52
C VAL A 245 10.84 -13.16 37.43
N LEU A 246 10.32 -13.58 38.58
CA LEU A 246 9.72 -12.65 39.52
C LEU A 246 10.69 -11.63 40.09
N LYS A 247 11.88 -12.09 40.45
CA LYS A 247 12.89 -11.18 41.01
C LYS A 247 13.37 -10.11 40.04
N SER A 248 13.57 -10.50 38.78
CA SER A 248 14.14 -9.62 37.76
C SER A 248 13.58 -8.20 37.82
N GLY A 253 16.62 -9.05 34.46
CA GLY A 253 16.97 -10.45 34.67
C GLY A 253 17.22 -11.23 33.40
N TYR A 254 18.09 -12.26 33.50
CA TYR A 254 18.50 -13.15 32.40
C TYR A 254 17.98 -14.56 32.71
N TYR A 255 17.06 -15.12 31.89
CA TYR A 255 16.49 -16.45 32.16
C TYR A 255 16.18 -17.24 30.90
N GLY A 256 16.02 -18.55 31.07
CA GLY A 256 15.74 -19.49 29.99
C GLY A 256 14.35 -20.12 30.07
N ARG A 257 14.13 -21.16 29.23
CA ARG A 257 12.84 -21.88 29.12
C ARG A 257 12.45 -22.60 30.41
N GLU A 258 13.42 -22.81 31.33
CA GLU A 258 13.22 -23.47 32.63
C GLU A 258 12.01 -22.89 33.41
N CYS A 259 11.75 -21.57 33.25
CA CYS A 259 10.63 -20.85 33.87
C CYS A 259 9.24 -21.41 33.51
N ASP A 260 9.08 -21.95 32.29
CA ASP A 260 7.83 -22.53 31.84
C ASP A 260 7.58 -23.87 32.50
N TRP A 261 8.64 -24.52 32.96
CA TRP A 261 8.50 -25.79 33.64
C TRP A 261 8.03 -25.56 35.07
N TRP A 262 8.48 -24.43 35.71
CA TRP A 262 8.05 -24.01 37.05
C TRP A 262 6.51 -23.97 37.04
N SER A 263 5.98 -23.26 36.05
CA SER A 263 4.55 -23.10 35.83
C SER A 263 3.83 -24.45 35.62
N VAL A 264 4.46 -25.43 34.91
CA VAL A 264 3.85 -26.76 34.71
C VAL A 264 3.61 -27.39 36.10
N GLY A 265 4.62 -27.30 36.98
CA GLY A 265 4.56 -27.82 38.34
C GLY A 265 3.43 -27.23 39.14
N VAL A 266 3.24 -25.92 38.99
CA VAL A 266 2.17 -25.18 39.65
C VAL A 266 0.81 -25.70 39.13
N PHE A 267 0.68 -25.89 37.78
CA PHE A 267 -0.53 -26.41 37.16
C PHE A 267 -0.83 -27.83 37.62
N LEU A 268 0.21 -28.73 37.68
CA LEU A 268 0.04 -30.11 38.15
C LEU A 268 -0.42 -30.13 39.59
N TYR A 269 0.13 -29.20 40.42
CA TYR A 269 -0.21 -29.07 41.83
C TYR A 269 -1.68 -28.70 41.99
N GLU A 270 -2.10 -27.62 41.33
CA GLU A 270 -3.45 -27.09 41.38
C GLU A 270 -4.47 -28.11 40.92
N MET A 271 -4.14 -28.92 39.90
CA MET A 271 -5.07 -29.96 39.44
C MET A 271 -5.33 -31.01 40.51
N LEU A 272 -4.26 -31.58 41.07
CA LEU A 272 -4.36 -32.64 42.07
C LEU A 272 -4.74 -32.17 43.46
N VAL A 273 -4.24 -30.99 43.90
CA VAL A 273 -4.48 -30.48 45.26
C VAL A 273 -5.75 -29.68 45.32
N GLY A 274 -5.99 -28.84 44.32
CA GLY A 274 -7.21 -28.05 44.32
C GLY A 274 -6.98 -26.56 44.44
N ASP A 275 -5.81 -26.17 44.96
CA ASP A 275 -5.39 -24.78 45.12
C ASP A 275 -3.98 -24.66 44.61
N THR A 276 -3.53 -23.41 44.42
CA THR A 276 -2.19 -23.08 43.97
C THR A 276 -1.22 -23.31 45.14
N PRO A 277 0.01 -23.81 44.87
CA PRO A 277 0.92 -24.14 45.98
C PRO A 277 1.39 -22.98 46.83
N PHE A 278 1.35 -21.77 46.27
CA PHE A 278 1.82 -20.59 46.99
C PHE A 278 0.69 -19.61 47.27
N TYR A 279 -0.57 -20.10 47.23
CA TYR A 279 -1.72 -19.26 47.52
C TYR A 279 -1.64 -18.73 48.92
N ALA A 280 -1.94 -17.44 49.02
CA ALA A 280 -2.05 -16.65 50.23
C ALA A 280 -3.11 -15.59 49.95
N ASP A 281 -3.80 -15.12 51.02
CA ASP A 281 -4.87 -14.12 50.99
C ASP A 281 -4.55 -12.98 50.01
N SER A 282 -3.55 -12.17 50.35
CA SER A 282 -3.06 -11.08 49.52
C SER A 282 -2.16 -11.59 48.38
N LEU A 283 -2.16 -10.87 47.25
CA LEU A 283 -1.29 -11.19 46.10
C LEU A 283 0.19 -10.99 46.48
N VAL A 284 0.44 -10.08 47.45
CA VAL A 284 1.79 -9.84 47.94
C VAL A 284 2.29 -11.07 48.74
N GLY A 285 1.35 -11.73 49.43
CA GLY A 285 1.56 -12.94 50.20
C GLY A 285 1.89 -14.11 49.30
N THR A 286 1.24 -14.15 48.13
CA THR A 286 1.51 -15.17 47.11
C THR A 286 2.98 -15.00 46.66
N TYR A 287 3.40 -13.73 46.35
CA TYR A 287 4.78 -13.33 45.95
C TYR A 287 5.79 -13.80 47.01
N SER A 288 5.49 -13.48 48.30
CA SER A 288 6.29 -13.87 49.45
C SER A 288 6.49 -15.37 49.52
N LYS A 289 5.39 -16.13 49.45
CA LYS A 289 5.41 -17.59 49.46
C LYS A 289 6.22 -18.16 48.29
N ILE A 290 6.16 -17.52 47.09
CA ILE A 290 6.92 -17.99 45.93
C ILE A 290 8.42 -17.92 46.20
N MET A 291 8.90 -16.75 46.65
CA MET A 291 10.31 -16.53 46.97
C MET A 291 10.82 -17.48 48.03
N ASN A 292 9.92 -17.96 48.89
CA ASN A 292 10.28 -18.93 49.92
C ASN A 292 9.74 -20.33 49.59
N HIS A 293 9.82 -20.72 48.29
CA HIS A 293 9.38 -22.03 47.79
C HIS A 293 10.01 -23.22 48.52
N LYS A 294 11.23 -23.03 49.05
CA LYS A 294 11.97 -24.05 49.80
C LYS A 294 11.16 -24.53 51.03
N ASN A 295 10.68 -23.57 51.87
CA ASN A 295 9.92 -23.87 53.09
C ASN A 295 8.41 -23.75 52.97
N SER A 296 7.88 -23.04 51.93
CA SER A 296 6.44 -22.84 51.77
C SER A 296 5.72 -23.98 51.03
N LEU A 297 6.42 -24.76 50.16
CA LEU A 297 5.80 -25.88 49.45
C LEU A 297 5.52 -27.03 50.44
N THR A 298 4.24 -27.36 50.59
CA THR A 298 3.71 -28.42 51.47
C THR A 298 2.53 -29.08 50.79
N PHE A 299 2.25 -30.34 51.16
CA PHE A 299 1.12 -31.07 50.60
C PHE A 299 0.14 -31.41 51.70
N PRO A 300 -1.18 -31.39 51.41
CA PRO A 300 -2.15 -31.72 52.46
C PRO A 300 -2.18 -33.23 52.76
N ASP A 301 -2.92 -33.66 53.81
CA ASP A 301 -3.05 -35.08 54.09
C ASP A 301 -3.97 -35.73 53.04
N ASP A 302 -3.35 -35.98 51.85
CA ASP A 302 -4.00 -36.47 50.65
C ASP A 302 -3.38 -37.82 50.27
N ASN A 303 -4.10 -38.89 50.67
CA ASN A 303 -3.82 -40.30 50.40
C ASN A 303 -3.88 -40.58 48.88
N ASP A 304 -4.45 -39.64 48.13
CA ASP A 304 -4.59 -39.71 46.68
C ASP A 304 -3.30 -39.33 45.92
N ILE A 305 -2.61 -38.21 46.33
CA ILE A 305 -1.38 -37.73 45.66
C ILE A 305 -0.29 -38.75 45.80
N SER A 306 0.01 -39.38 44.66
CA SER A 306 0.96 -40.45 44.54
C SER A 306 2.38 -39.96 44.72
N LYS A 307 3.27 -40.87 45.07
CA LYS A 307 4.64 -40.49 45.36
C LYS A 307 5.26 -39.85 44.14
N GLU A 308 4.98 -40.39 42.96
CA GLU A 308 5.54 -39.83 41.74
C GLU A 308 5.04 -38.41 41.46
N ALA A 309 3.76 -38.17 41.68
CA ALA A 309 3.23 -36.85 41.41
C ALA A 309 3.89 -35.84 42.32
N LYS A 310 4.06 -36.20 43.58
CA LYS A 310 4.67 -35.29 44.54
C LYS A 310 6.10 -35.01 44.12
N ASN A 311 6.77 -36.04 43.66
CA ASN A 311 8.16 -35.91 43.17
C ASN A 311 8.27 -34.99 41.95
N LEU A 312 7.35 -35.14 40.96
CA LEU A 312 7.30 -34.33 39.74
C LEU A 312 7.06 -32.88 40.10
N ILE A 313 6.05 -32.61 40.96
CA ILE A 313 5.70 -31.27 41.41
C ILE A 313 6.94 -30.61 42.01
N CYS A 314 7.67 -31.34 42.85
CA CYS A 314 8.84 -30.84 43.53
C CYS A 314 10.05 -30.70 42.63
N ALA A 315 10.13 -31.54 41.59
CA ALA A 315 11.20 -31.50 40.58
C ALA A 315 11.07 -30.20 39.72
N PHE A 316 9.85 -29.66 39.62
CA PHE A 316 9.55 -28.45 38.87
C PHE A 316 9.51 -27.23 39.77
N LEU A 317 9.21 -27.45 41.06
CA LEU A 317 9.07 -26.38 42.04
C LEU A 317 10.33 -26.22 42.89
N THR A 318 11.49 -26.22 42.20
CA THR A 318 12.82 -26.00 42.77
C THR A 318 13.51 -24.81 42.07
N ASP A 319 14.71 -24.42 42.55
CA ASP A 319 15.49 -23.33 41.96
C ASP A 319 15.95 -23.75 40.57
N ARG A 320 15.97 -22.79 39.64
CA ARG A 320 16.29 -22.98 38.22
C ARG A 320 17.40 -24.01 37.97
N GLU A 321 18.52 -23.89 38.70
CA GLU A 321 19.75 -24.68 38.59
C GLU A 321 19.56 -26.19 38.79
N VAL A 322 18.48 -26.61 39.48
CA VAL A 322 18.16 -28.03 39.75
C VAL A 322 16.80 -28.45 39.18
N ARG A 323 16.14 -27.57 38.41
CA ARG A 323 14.83 -27.83 37.83
C ARG A 323 14.81 -28.98 36.82
N LEU A 324 13.78 -29.83 36.90
CA LEU A 324 13.61 -30.87 35.89
C LEU A 324 13.27 -30.09 34.61
N GLY A 325 14.00 -30.38 33.55
CA GLY A 325 13.86 -29.68 32.29
C GLY A 325 15.01 -28.76 32.00
N ARG A 326 15.98 -28.65 32.94
CA ARG A 326 17.17 -27.83 32.74
C ARG A 326 18.04 -28.52 31.68
N ASN A 327 17.91 -29.86 31.55
CA ASN A 327 18.64 -30.65 30.56
C ASN A 327 17.75 -31.14 29.39
N GLY A 328 16.64 -30.44 29.16
CA GLY A 328 15.73 -30.71 28.06
C GLY A 328 14.44 -31.45 28.43
N VAL A 329 13.50 -31.52 27.46
CA VAL A 329 12.20 -32.18 27.60
C VAL A 329 12.30 -33.65 27.88
N GLU A 330 13.28 -34.32 27.25
CA GLU A 330 13.40 -35.77 27.41
C GLU A 330 13.53 -36.21 28.88
N GLU A 331 14.20 -35.39 29.73
CA GLU A 331 14.29 -35.72 31.16
C GLU A 331 12.91 -35.55 31.85
N ILE A 332 12.03 -34.63 31.36
CA ILE A 332 10.66 -34.47 31.88
C ILE A 332 9.84 -35.69 31.43
N LYS A 333 9.93 -36.01 30.13
CA LYS A 333 9.24 -37.11 29.47
C LYS A 333 9.53 -38.44 30.15
N ARG A 334 10.81 -38.68 30.49
CA ARG A 334 11.30 -39.90 31.17
C ARG A 334 10.79 -40.05 32.61
N HIS A 335 10.20 -38.98 33.23
CA HIS A 335 9.69 -39.01 34.62
C HIS A 335 8.69 -40.12 34.84
N LEU A 336 8.80 -40.82 35.98
CA LEU A 336 7.90 -41.93 36.30
C LEU A 336 6.45 -41.56 36.41
N PHE A 337 6.15 -40.29 36.70
CA PHE A 337 4.78 -39.83 36.82
C PHE A 337 4.00 -40.14 35.54
N PHE A 338 4.66 -39.96 34.38
CA PHE A 338 4.05 -40.18 33.09
C PHE A 338 3.96 -41.62 32.72
N LYS A 339 4.78 -42.50 33.36
CA LYS A 339 4.76 -43.95 33.08
C LYS A 339 3.32 -44.46 33.13
N ASN A 340 2.81 -44.85 31.95
CA ASN A 340 1.42 -45.32 31.81
C ASN A 340 1.22 -46.36 30.66
N ASP A 341 0.02 -46.98 30.64
CA ASP A 341 -0.36 -47.98 29.65
C ASP A 341 -1.53 -47.54 28.74
N GLN A 342 -1.93 -46.25 28.81
CA GLN A 342 -3.03 -45.75 27.99
C GLN A 342 -2.55 -44.99 26.73
N TRP A 343 -1.36 -44.35 26.79
CA TRP A 343 -0.81 -43.54 25.69
C TRP A 343 0.71 -43.54 25.61
N ALA A 344 1.22 -43.23 24.44
CA ALA A 344 2.65 -43.10 24.19
C ALA A 344 2.82 -41.66 23.82
N TRP A 345 3.96 -41.04 24.21
CA TRP A 345 4.18 -39.63 23.90
C TRP A 345 3.97 -39.31 22.42
N GLU A 346 4.52 -40.16 21.57
CA GLU A 346 4.48 -40.04 20.12
C GLU A 346 3.10 -40.10 19.51
N THR A 347 2.10 -40.57 20.26
CA THR A 347 0.75 -40.74 19.75
C THR A 347 -0.33 -40.24 20.71
N LEU A 348 0.08 -39.48 21.74
CA LEU A 348 -0.81 -38.96 22.79
C LEU A 348 -2.01 -38.18 22.24
N ARG A 349 -1.80 -37.30 21.25
CA ARG A 349 -2.91 -36.50 20.74
C ARG A 349 -3.83 -37.29 19.81
N ASP A 350 -3.43 -38.51 19.48
CA ASP A 350 -4.25 -39.37 18.65
C ASP A 350 -5.09 -40.27 19.53
N THR A 351 -4.73 -40.40 20.83
CA THR A 351 -5.52 -41.18 21.78
C THR A 351 -6.81 -40.42 22.14
N VAL A 352 -7.75 -41.06 22.86
CA VAL A 352 -9.05 -40.48 23.21
C VAL A 352 -9.01 -39.75 24.58
N ALA A 353 -9.29 -38.44 24.53
CA ALA A 353 -9.27 -37.51 25.67
C ALA A 353 -10.02 -37.99 26.91
N PRO A 354 -9.61 -37.57 28.14
CA PRO A 354 -10.35 -37.98 29.37
C PRO A 354 -11.74 -37.38 29.51
N VAL A 355 -11.98 -36.19 28.88
CA VAL A 355 -13.26 -35.48 28.87
C VAL A 355 -13.57 -35.10 27.42
N VAL A 356 -14.37 -35.93 26.74
CA VAL A 356 -14.78 -35.60 25.36
C VAL A 356 -16.01 -34.69 25.38
N PRO A 357 -15.91 -33.40 24.95
CA PRO A 357 -17.07 -32.50 25.07
C PRO A 357 -18.26 -32.94 24.24
N ASP A 358 -19.44 -33.03 24.88
CA ASP A 358 -20.73 -33.33 24.26
C ASP A 358 -21.25 -31.94 23.90
N LEU A 359 -21.26 -31.62 22.61
CA LEU A 359 -21.66 -30.28 22.14
C LEU A 359 -22.91 -30.33 21.27
N SER A 360 -23.81 -29.37 21.49
CA SER A 360 -25.13 -29.22 20.87
C SER A 360 -25.12 -28.65 19.44
N SER A 361 -24.12 -27.83 19.11
CA SER A 361 -24.05 -27.19 17.81
C SER A 361 -22.62 -26.75 17.54
N ASP A 362 -22.40 -26.17 16.37
CA ASP A 362 -21.11 -25.61 15.97
C ASP A 362 -20.86 -24.34 16.76
N ILE A 363 -21.92 -23.83 17.45
CA ILE A 363 -21.88 -22.61 18.25
C ILE A 363 -22.23 -22.87 19.74
N ASP A 364 -22.04 -24.11 20.21
CA ASP A 364 -22.28 -24.48 21.62
C ASP A 364 -21.26 -23.75 22.53
N THR A 365 -21.73 -22.78 23.32
CA THR A 365 -20.88 -22.00 24.22
C THR A 365 -20.95 -22.43 25.72
N SER A 366 -21.49 -23.66 26.00
CA SER A 366 -21.69 -24.20 27.35
C SER A 366 -20.41 -24.27 28.20
N ASN A 367 -19.23 -24.38 27.57
CA ASN A 367 -17.96 -24.43 28.29
C ASN A 367 -17.33 -23.04 28.50
N PHE A 368 -18.09 -21.98 28.19
CA PHE A 368 -17.65 -20.59 28.37
C PHE A 368 -18.67 -19.86 29.23
N ASP A 369 -18.20 -19.31 30.38
CA ASP A 369 -19.07 -18.63 31.34
C ASP A 369 -19.82 -17.48 30.72
N ASP A 370 -21.04 -17.26 31.23
CA ASP A 370 -21.99 -16.26 30.75
C ASP A 370 -21.46 -14.81 30.79
N LEU A 371 -21.55 -14.14 29.62
CA LEU A 371 -21.10 -12.76 29.40
C LEU A 371 -21.99 -12.00 28.41
N GLU A 372 -21.71 -10.66 28.25
CA GLU A 372 -22.41 -9.73 27.37
C GLU A 372 -21.46 -9.04 26.38
N GLU A 379 -14.37 3.72 24.95
CA GLU A 379 -14.09 5.00 24.31
C GLU A 379 -12.69 5.05 23.71
N THR A 380 -12.52 5.87 22.64
CA THR A 380 -11.31 6.06 21.84
C THR A 380 -10.61 7.46 22.00
N PHE A 381 -9.51 7.68 21.22
CA PHE A 381 -8.63 8.85 21.15
C PHE A 381 -9.41 10.09 20.76
N PRO A 382 -8.96 11.28 21.19
CA PRO A 382 -9.66 12.50 20.76
C PRO A 382 -9.29 12.90 19.32
N ILE A 383 -9.89 14.01 18.83
CA ILE A 383 -9.62 14.53 17.50
C ILE A 383 -8.32 15.31 17.60
N PRO A 384 -7.31 14.93 16.79
CA PRO A 384 -5.99 15.59 16.90
C PRO A 384 -5.93 17.03 16.40
N LYS A 385 -5.16 17.84 17.12
CA LYS A 385 -4.90 19.23 16.76
C LYS A 385 -3.96 19.21 15.54
N ALA A 386 -2.84 18.44 15.61
CA ALA A 386 -1.85 18.26 14.53
C ALA A 386 -1.75 16.78 14.15
N PHE A 387 -0.67 16.37 13.45
CA PHE A 387 -0.50 14.97 13.08
C PHE A 387 0.00 14.16 14.26
N VAL A 388 -0.82 13.20 14.69
CA VAL A 388 -0.53 12.30 15.82
C VAL A 388 0.05 10.96 15.40
N GLY A 389 -0.46 10.41 14.29
CA GLY A 389 -0.01 9.14 13.75
C GLY A 389 -0.34 7.95 14.63
N ASN A 390 -1.54 7.97 15.25
CA ASN A 390 -1.98 6.93 16.15
C ASN A 390 -2.08 5.53 15.54
N GLN A 391 -2.41 5.40 14.23
CA GLN A 391 -2.55 4.12 13.51
C GLN A 391 -1.20 3.60 12.92
N LEU A 392 -0.10 4.36 13.08
CA LEU A 392 1.20 3.91 12.59
C LEU A 392 1.74 2.64 13.31
N PRO A 393 1.69 2.51 14.68
CA PRO A 393 2.21 1.28 15.32
C PRO A 393 1.50 -0.06 14.99
N PHE A 394 0.48 -0.02 14.12
CA PHE A 394 -0.31 -1.18 13.73
C PHE A 394 -0.25 -1.46 12.25
N VAL A 395 0.58 -0.70 11.50
CA VAL A 395 0.73 -0.91 10.05
C VAL A 395 1.39 -2.28 9.80
N GLY A 396 0.71 -3.14 9.07
CA GLY A 396 1.23 -4.46 8.75
C GLY A 396 0.70 -5.63 9.58
N PHE A 397 -0.25 -5.36 10.51
CA PHE A 397 -0.86 -6.38 11.36
C PHE A 397 -1.78 -7.29 10.57
N THR A 398 -2.35 -6.80 9.45
CA THR A 398 -3.25 -7.55 8.59
C THR A 398 -2.55 -8.81 8.00
N TYR A 399 -3.25 -9.96 8.15
CA TYR A 399 -2.95 -11.31 7.64
C TYR A 399 -4.21 -11.68 6.85
N TYR A 400 -4.19 -11.37 5.52
CA TYR A 400 -5.33 -11.57 4.61
C TYR A 400 -4.92 -11.69 3.11
N SER A 401 -4.50 -10.55 2.50
CA SER A 401 -4.15 -10.47 1.08
C SER A 401 -2.95 -11.37 0.78
N ASN A 402 -1.90 -11.34 1.63
CA ASN A 402 -0.73 -12.23 1.49
C ASN A 402 -0.56 -13.08 2.77
N ARG A 403 -1.09 -14.33 2.74
CA ARG A 403 -1.04 -15.34 3.82
C ARG A 403 -0.21 -16.53 3.33
N ARG A 404 0.12 -17.44 4.26
CA ARG A 404 0.91 -18.63 4.03
C ARG A 404 -0.04 -19.82 4.01
N TYR A 405 -0.57 -20.12 2.80
CA TYR A 405 -1.55 -21.17 2.52
C TYR A 405 -0.87 -22.55 2.43
N MET B 5 -21.97 -9.96 -3.68
CA MET B 5 -20.66 -10.57 -3.97
C MET B 5 -20.28 -11.63 -2.91
N SER B 6 -19.54 -12.69 -3.34
CA SER B 6 -19.08 -13.73 -2.42
C SER B 6 -17.72 -13.32 -1.82
N PHE B 7 -17.33 -13.95 -0.70
CA PHE B 7 -16.05 -13.74 0.03
C PHE B 7 -14.86 -13.94 -0.92
N GLU B 8 -14.94 -14.97 -1.80
CA GLU B 8 -13.97 -15.41 -2.81
C GLU B 8 -13.85 -14.30 -3.83
N THR B 9 -14.97 -13.95 -4.50
CA THR B 9 -15.10 -12.87 -5.46
C THR B 9 -14.43 -11.61 -4.88
N ARG B 10 -14.82 -11.23 -3.62
CA ARG B 10 -14.31 -10.09 -2.85
C ARG B 10 -12.79 -10.12 -2.64
N PHE B 11 -12.23 -11.32 -2.42
CA PHE B 11 -10.80 -11.49 -2.24
C PHE B 11 -10.09 -11.27 -3.59
N GLU B 12 -10.57 -11.99 -4.65
CA GLU B 12 -10.06 -11.99 -6.02
C GLU B 12 -10.07 -10.60 -6.60
N LYS B 13 -11.19 -9.84 -6.41
CA LYS B 13 -11.37 -8.46 -6.91
C LYS B 13 -10.33 -7.55 -6.30
N MET B 14 -10.09 -7.70 -5.00
CA MET B 14 -9.08 -6.97 -4.26
C MET B 14 -7.67 -7.36 -4.80
N ASP B 15 -7.48 -8.62 -5.26
CA ASP B 15 -6.20 -9.10 -5.82
C ASP B 15 -5.86 -8.47 -7.16
N ASN B 16 -6.87 -8.38 -8.05
CA ASN B 16 -6.70 -7.80 -9.37
C ASN B 16 -6.39 -6.32 -9.27
N LEU B 17 -6.77 -5.68 -8.15
CA LEU B 17 -6.54 -4.24 -7.85
C LEU B 17 -5.10 -3.91 -7.51
N LEU B 18 -4.29 -4.91 -7.19
CA LEU B 18 -2.88 -4.71 -6.86
C LEU B 18 -2.01 -5.11 -8.07
N ARG B 19 -2.69 -5.57 -9.10
CA ARG B 19 -2.06 -6.03 -10.33
C ARG B 19 -2.32 -5.06 -11.49
N ASP B 20 -3.55 -4.53 -11.56
CA ASP B 20 -4.03 -3.65 -12.62
C ASP B 20 -3.14 -2.43 -12.75
N PRO B 21 -2.52 -2.20 -13.93
CA PRO B 21 -1.67 -0.99 -14.07
C PRO B 21 -2.53 0.28 -14.11
N LYS B 22 -3.81 0.13 -14.43
CA LYS B 22 -4.75 1.23 -14.45
C LYS B 22 -5.31 1.56 -13.04
N SER B 23 -5.01 0.72 -12.02
CA SER B 23 -5.47 0.87 -10.64
C SER B 23 -4.65 1.86 -9.78
N GLU B 24 -5.39 2.68 -8.96
CA GLU B 24 -4.85 3.68 -8.01
C GLU B 24 -4.12 3.03 -6.81
N VAL B 25 -4.42 1.74 -6.56
CA VAL B 25 -3.91 0.96 -5.43
C VAL B 25 -3.07 -0.24 -5.83
N ASN B 26 -2.52 -0.28 -7.06
CA ASN B 26 -1.66 -1.40 -7.42
C ASN B 26 -0.31 -1.26 -6.73
N SER B 27 0.30 -2.37 -6.42
CA SER B 27 1.55 -2.49 -5.69
C SER B 27 2.54 -1.31 -5.80
N ASP B 28 2.76 -0.77 -7.02
CA ASP B 28 3.67 0.36 -7.25
C ASP B 28 3.19 1.66 -6.61
N CYS B 29 1.89 1.99 -6.73
CA CYS B 29 1.28 3.16 -6.11
C CYS B 29 1.34 3.04 -4.61
N LEU B 30 1.06 1.82 -4.07
CA LEU B 30 1.07 1.52 -2.63
C LEU B 30 2.48 1.70 -2.03
N LEU B 31 3.51 1.21 -2.77
CA LEU B 31 4.91 1.37 -2.40
C LEU B 31 5.23 2.86 -2.31
N ASP B 32 4.64 3.66 -3.22
CA ASP B 32 4.83 5.09 -3.29
C ASP B 32 4.34 5.71 -2.01
N GLY B 33 3.13 5.35 -1.59
CA GLY B 33 2.49 5.82 -0.35
C GLY B 33 3.36 5.68 0.89
N LEU B 34 4.00 4.52 1.05
CA LEU B 34 4.91 4.24 2.15
C LEU B 34 6.18 5.08 1.97
N ASP B 35 6.79 5.02 0.76
CA ASP B 35 7.99 5.77 0.38
C ASP B 35 7.85 7.30 0.69
N ALA B 36 6.65 7.85 0.44
CA ALA B 36 6.29 9.23 0.68
C ALA B 36 6.31 9.49 2.16
N LEU B 37 5.54 8.68 2.94
CA LEU B 37 5.43 8.77 4.39
C LEU B 37 6.79 8.77 5.05
N VAL B 38 7.68 7.85 4.65
CA VAL B 38 9.05 7.75 5.15
C VAL B 38 9.85 9.04 4.88
N TYR B 39 9.66 9.67 3.69
CA TYR B 39 10.35 10.91 3.28
C TYR B 39 9.81 12.12 4.12
N ASP B 40 8.46 12.29 4.12
CA ASP B 40 7.70 13.36 4.80
C ASP B 40 7.67 13.32 6.36
N LEU B 41 8.23 12.26 6.98
CA LEU B 41 8.28 12.11 8.43
C LEU B 41 9.70 12.03 9.01
N ASP B 42 10.75 11.81 8.18
CA ASP B 42 12.11 11.70 8.70
C ASP B 42 12.77 13.05 9.10
N PHE B 43 12.19 13.74 10.11
CA PHE B 43 12.71 15.02 10.61
C PHE B 43 12.69 14.99 12.12
N PRO B 44 13.69 15.59 12.81
CA PRO B 44 13.76 15.48 14.27
C PRO B 44 12.54 15.99 15.05
N ALA B 45 11.95 17.11 14.59
CA ALA B 45 10.79 17.76 15.22
C ALA B 45 9.55 16.83 15.24
N LEU B 46 9.37 16.06 14.16
CA LEU B 46 8.28 15.11 14.01
C LEU B 46 8.63 13.80 14.76
N ARG B 47 9.93 13.41 14.75
CA ARG B 47 10.50 12.23 15.42
C ARG B 47 10.43 12.33 16.97
N LYS B 48 10.12 13.54 17.50
CA LYS B 48 9.92 13.81 18.93
C LYS B 48 8.71 12.99 19.41
N ASN B 49 7.74 12.76 18.50
CA ASN B 49 6.55 11.91 18.67
C ASN B 49 7.05 10.47 18.48
N LYS B 50 6.70 9.57 19.43
CA LYS B 50 7.16 8.17 19.38
C LYS B 50 6.48 7.35 18.30
N ASN B 51 5.13 7.47 18.12
CA ASN B 51 4.39 6.75 17.05
C ASN B 51 5.13 6.86 15.71
N ILE B 52 5.61 8.09 15.44
CA ILE B 52 6.38 8.48 14.27
C ILE B 52 7.78 7.85 14.34
N ASP B 53 8.54 8.13 15.43
CA ASP B 53 9.90 7.61 15.61
C ASP B 53 9.98 6.08 15.41
N ASN B 54 9.07 5.34 16.07
CA ASN B 54 8.99 3.88 16.01
C ASN B 54 8.66 3.40 14.62
N PHE B 55 7.67 4.04 13.98
CA PHE B 55 7.28 3.69 12.61
C PHE B 55 8.48 3.76 11.66
N LEU B 56 9.23 4.87 11.74
CA LEU B 56 10.40 5.12 10.91
C LEU B 56 11.51 4.15 11.22
N SER B 57 11.87 4.01 12.51
CA SER B 57 12.92 3.11 12.98
C SER B 57 12.66 1.67 12.53
N ARG B 58 11.36 1.26 12.55
CA ARG B 58 10.88 -0.05 12.13
C ARG B 58 11.13 -0.29 10.62
N TYR B 59 10.59 0.59 9.78
CA TYR B 59 10.69 0.46 8.33
C TYR B 59 12.01 0.95 7.72
N LYS B 60 12.95 1.44 8.56
CA LYS B 60 14.26 1.96 8.12
C LYS B 60 14.98 1.03 7.14
N ASP B 61 15.37 -0.17 7.61
CA ASP B 61 16.12 -1.16 6.84
C ASP B 61 15.38 -1.62 5.58
N THR B 62 14.04 -1.76 5.69
CA THR B 62 13.12 -2.18 4.65
C THR B 62 13.04 -1.15 3.50
N ILE B 63 12.67 0.11 3.83
CA ILE B 63 12.49 1.24 2.90
C ILE B 63 13.74 1.55 2.10
N ASN B 64 14.92 1.26 2.66
CA ASN B 64 16.18 1.49 1.96
C ASN B 64 16.35 0.46 0.87
N LYS B 65 16.03 -0.82 1.20
CA LYS B 65 16.09 -1.95 0.27
C LYS B 65 15.17 -1.64 -0.93
N ILE B 66 13.92 -1.23 -0.62
CA ILE B 66 12.89 -0.82 -1.57
C ILE B 66 13.46 0.25 -2.51
N ARG B 67 14.07 1.30 -1.93
CA ARG B 67 14.65 2.43 -2.65
C ARG B 67 15.70 2.00 -3.69
N ASP B 68 16.62 1.11 -3.28
CA ASP B 68 17.65 0.60 -4.18
C ASP B 68 17.09 -0.37 -5.23
N LEU B 69 16.09 -1.21 -4.87
CA LEU B 69 15.54 -2.21 -5.79
C LEU B 69 14.65 -1.64 -6.88
N ARG B 70 13.82 -0.65 -6.53
CA ARG B 70 12.91 0.00 -7.45
C ARG B 70 13.70 0.88 -8.43
N MET B 71 13.07 1.24 -9.57
CA MET B 71 13.69 2.09 -10.59
C MET B 71 14.07 3.44 -10.01
N LYS B 72 15.34 3.78 -10.20
CA LYS B 72 15.95 5.04 -9.77
C LYS B 72 16.55 5.75 -10.98
N ALA B 73 16.85 7.05 -10.82
CA ALA B 73 17.41 7.88 -11.88
C ALA B 73 18.83 7.42 -12.28
N GLU B 74 19.62 6.90 -11.30
CA GLU B 74 20.98 6.40 -11.50
C GLU B 74 21.02 5.10 -12.32
N ASP B 75 19.85 4.60 -12.74
CA ASP B 75 19.73 3.43 -13.62
C ASP B 75 19.96 3.91 -15.05
N TYR B 76 19.85 5.24 -15.29
CA TYR B 76 19.99 5.88 -16.61
C TYR B 76 21.22 6.73 -16.77
N GLU B 77 21.89 6.59 -17.92
CA GLU B 77 23.08 7.32 -18.36
C GLU B 77 22.53 8.45 -19.27
N VAL B 78 22.74 9.73 -18.88
CA VAL B 78 22.19 10.84 -19.67
C VAL B 78 23.13 11.21 -20.83
N VAL B 79 22.60 11.07 -22.06
CA VAL B 79 23.29 11.30 -23.32
C VAL B 79 23.35 12.77 -23.66
N LYS B 80 22.20 13.48 -23.68
CA LYS B 80 22.12 14.91 -23.95
C LYS B 80 20.82 15.45 -23.42
N VAL B 81 20.79 16.73 -23.01
CA VAL B 81 19.55 17.37 -22.59
C VAL B 81 18.93 17.81 -23.91
N ILE B 82 17.86 17.13 -24.32
CA ILE B 82 17.26 17.41 -25.61
C ILE B 82 16.22 18.53 -25.53
N GLY B 83 15.86 18.94 -24.30
CA GLY B 83 14.89 20.00 -24.07
C GLY B 83 14.78 20.52 -22.65
N ARG B 84 14.14 21.68 -22.51
CA ARG B 84 13.89 22.36 -21.23
C ARG B 84 12.50 23.03 -21.29
N GLY B 85 11.71 22.81 -20.23
CA GLY B 85 10.36 23.36 -20.06
C GLY B 85 10.22 24.14 -18.77
N ALA B 86 8.97 24.46 -18.40
CA ALA B 86 8.66 25.29 -17.22
C ALA B 86 9.05 24.66 -15.88
N PHE B 87 8.71 23.38 -15.69
CA PHE B 87 8.96 22.65 -14.46
C PHE B 87 10.01 21.58 -14.53
N GLY B 88 10.93 21.66 -15.48
CA GLY B 88 12.01 20.68 -15.58
C GLY B 88 12.67 20.61 -16.94
N GLU B 89 13.27 19.46 -17.25
CA GLU B 89 13.96 19.24 -18.53
C GLU B 89 13.79 17.84 -19.08
N VAL B 90 13.73 17.72 -20.40
CA VAL B 90 13.63 16.45 -21.10
C VAL B 90 15.04 16.05 -21.50
N GLN B 91 15.37 14.75 -21.44
CA GLN B 91 16.72 14.32 -21.81
C GLN B 91 16.79 12.94 -22.44
N LEU B 92 17.58 12.86 -23.51
CA LEU B 92 17.88 11.62 -24.18
C LEU B 92 18.80 10.85 -23.22
N VAL B 93 18.38 9.64 -22.83
CA VAL B 93 19.09 8.78 -21.88
C VAL B 93 19.28 7.38 -22.44
N ARG B 94 20.16 6.60 -21.80
CA ARG B 94 20.38 5.20 -22.13
C ARG B 94 20.32 4.43 -20.82
N HIS B 95 19.34 3.50 -20.70
CA HIS B 95 19.22 2.66 -19.50
C HIS B 95 20.48 1.83 -19.42
N LYS B 96 21.28 2.06 -18.36
CA LYS B 96 22.59 1.43 -18.12
C LYS B 96 22.61 -0.11 -18.29
N SER B 97 21.61 -0.83 -17.74
CA SER B 97 21.52 -2.31 -17.82
C SER B 97 21.08 -2.83 -19.22
N THR B 98 19.85 -2.46 -19.64
CA THR B 98 19.23 -2.86 -20.91
C THR B 98 19.96 -2.26 -22.14
N ARG B 99 20.70 -1.15 -21.91
CA ARG B 99 21.43 -0.33 -22.89
C ARG B 99 20.47 0.23 -23.94
N LYS B 100 19.19 0.41 -23.52
CA LYS B 100 18.11 0.92 -24.36
C LYS B 100 18.04 2.44 -24.30
N VAL B 101 17.66 3.07 -25.43
CA VAL B 101 17.61 4.52 -25.56
C VAL B 101 16.17 5.12 -25.45
N TYR B 102 15.98 6.12 -24.57
CA TYR B 102 14.68 6.73 -24.32
C TYR B 102 14.76 8.25 -24.13
N ALA B 103 13.58 8.86 -24.11
CA ALA B 103 13.40 10.27 -23.80
C ALA B 103 12.91 10.32 -22.34
N MET B 104 13.54 11.16 -21.51
CA MET B 104 13.14 11.22 -20.11
C MET B 104 12.75 12.63 -19.64
N LYS B 105 11.45 12.84 -19.39
CA LYS B 105 10.95 14.12 -18.91
C LYS B 105 11.02 14.16 -17.39
N LEU B 106 11.83 15.09 -16.87
CA LEU B 106 12.02 15.33 -15.43
C LEU B 106 11.16 16.51 -14.97
N LEU B 107 10.53 16.41 -13.79
CA LEU B 107 9.73 17.51 -13.27
C LEU B 107 10.13 17.77 -11.83
N SER B 108 10.59 18.98 -11.52
CA SER B 108 10.98 19.35 -10.15
C SER B 108 9.78 19.43 -9.23
N LYS B 109 9.74 18.52 -8.24
CA LYS B 109 8.72 18.44 -7.19
C LYS B 109 8.73 19.73 -6.34
N PHE B 110 9.93 20.28 -6.05
CA PHE B 110 9.97 21.53 -5.32
C PHE B 110 9.29 22.66 -6.10
N GLU B 111 9.61 22.77 -7.39
CA GLU B 111 9.07 23.81 -8.24
C GLU B 111 7.55 23.71 -8.35
N MET B 112 7.00 22.50 -8.59
CA MET B 112 5.55 22.28 -8.73
C MET B 112 4.77 22.71 -7.50
N ILE B 113 5.17 22.24 -6.28
CA ILE B 113 4.57 22.61 -4.97
C ILE B 113 4.69 24.12 -4.77
N LYS B 114 5.91 24.70 -4.98
CA LYS B 114 6.19 26.13 -4.88
C LYS B 114 5.16 26.92 -5.68
N ARG B 115 5.00 26.59 -6.97
CA ARG B 115 4.15 27.29 -7.92
C ARG B 115 2.66 26.84 -7.92
N SER B 116 2.15 26.33 -6.77
CA SER B 116 0.78 25.83 -6.51
C SER B 116 0.34 24.65 -7.43
N ASP B 117 0.59 24.80 -8.75
CA ASP B 117 0.32 23.88 -9.83
C ASP B 117 1.03 22.51 -9.64
N SER B 118 0.30 21.45 -9.16
CA SER B 118 0.91 20.12 -8.91
C SER B 118 -0.03 18.90 -9.25
N ALA B 119 -0.65 18.89 -10.47
CA ALA B 119 -1.56 17.80 -10.89
C ALA B 119 -1.68 17.59 -12.43
N PHE B 120 -1.21 18.57 -13.24
CA PHE B 120 -1.22 18.54 -14.72
C PHE B 120 -0.62 17.24 -15.31
N PHE B 121 0.38 16.69 -14.59
CA PHE B 121 1.15 15.51 -14.94
C PHE B 121 0.36 14.20 -14.94
N TRP B 122 -0.81 14.17 -14.28
CA TRP B 122 -1.67 12.98 -14.19
C TRP B 122 -2.17 12.53 -15.57
N GLU B 123 -2.93 13.41 -16.22
CA GLU B 123 -3.46 13.18 -17.54
C GLU B 123 -2.34 13.06 -18.53
N GLU B 124 -1.14 13.65 -18.27
CA GLU B 124 0.00 13.42 -19.17
C GLU B 124 0.49 11.94 -19.08
N ARG B 125 0.56 11.41 -17.84
CA ARG B 125 0.99 10.05 -17.51
C ARG B 125 0.05 9.02 -18.09
N ASP B 126 -1.24 9.13 -17.76
CA ASP B 126 -2.28 8.19 -18.21
C ASP B 126 -2.35 8.10 -19.72
N ILE B 127 -2.36 9.24 -20.41
CA ILE B 127 -2.47 9.32 -21.85
C ILE B 127 -1.32 8.58 -22.48
N MET B 128 -0.09 8.95 -22.14
CA MET B 128 1.11 8.32 -22.70
C MET B 128 1.23 6.83 -22.33
N ALA B 129 0.85 6.49 -21.06
CA ALA B 129 0.95 5.13 -20.53
C ALA B 129 -0.02 4.14 -21.14
N PHE B 130 -1.24 4.58 -21.41
CA PHE B 130 -2.31 3.70 -21.85
C PHE B 130 -2.94 3.99 -23.21
N ALA B 131 -2.51 5.05 -23.91
CA ALA B 131 -3.14 5.41 -25.18
C ALA B 131 -3.18 4.28 -26.16
N ASN B 132 -2.01 3.65 -26.32
CA ASN B 132 -1.75 2.56 -27.25
C ASN B 132 -2.15 2.95 -28.67
N SER B 133 -1.65 4.11 -29.11
CA SER B 133 -1.91 4.67 -30.45
C SER B 133 -0.60 5.06 -31.08
N PRO B 134 -0.49 4.86 -32.42
CA PRO B 134 0.73 5.31 -33.11
C PRO B 134 0.79 6.85 -33.13
N TRP B 135 -0.24 7.53 -32.59
CA TRP B 135 -0.33 8.98 -32.59
C TRP B 135 0.09 9.59 -31.27
N VAL B 136 0.26 8.77 -30.25
CA VAL B 136 0.63 9.25 -28.93
C VAL B 136 2.03 8.71 -28.59
N VAL B 137 2.89 9.59 -28.06
CA VAL B 137 4.22 9.16 -27.60
C VAL B 137 3.99 8.19 -26.45
N GLN B 138 4.76 7.10 -26.40
CA GLN B 138 4.59 6.03 -25.41
C GLN B 138 5.39 6.15 -24.10
N LEU B 139 4.71 5.96 -22.96
CA LEU B 139 5.35 5.96 -21.66
C LEU B 139 5.63 4.48 -21.32
N PHE B 140 6.90 4.17 -21.05
CA PHE B 140 7.32 2.82 -20.67
C PHE B 140 7.43 2.71 -19.17
N TYR B 141 7.96 3.75 -18.51
CA TYR B 141 8.11 3.80 -17.06
C TYR B 141 7.91 5.20 -16.54
N ALA B 142 7.29 5.29 -15.37
CA ALA B 142 7.11 6.53 -14.62
C ALA B 142 7.58 6.19 -13.23
N PHE B 143 8.50 6.99 -12.69
CA PHE B 143 9.04 6.75 -11.35
C PHE B 143 9.36 8.07 -10.69
N GLN B 144 9.69 8.07 -9.39
CA GLN B 144 9.96 9.31 -8.67
C GLN B 144 11.06 9.20 -7.60
N ASP B 145 11.22 10.27 -6.79
CA ASP B 145 12.10 10.43 -5.61
C ASP B 145 11.71 11.66 -4.81
N ASP B 146 12.51 12.06 -3.82
CA ASP B 146 12.18 13.23 -2.99
C ASP B 146 12.19 14.56 -3.76
N ARG B 147 12.80 14.58 -4.97
CA ARG B 147 12.98 15.77 -5.79
C ARG B 147 12.25 15.80 -7.13
N TYR B 148 12.22 14.69 -7.91
CA TYR B 148 11.60 14.72 -9.25
C TYR B 148 10.63 13.62 -9.57
N LEU B 149 9.82 13.85 -10.61
CA LEU B 149 8.94 12.89 -11.24
C LEU B 149 9.69 12.62 -12.55
N TYR B 150 9.74 11.35 -12.99
CA TYR B 150 10.44 10.96 -14.22
C TYR B 150 9.50 10.23 -15.15
N MET B 151 9.52 10.61 -16.43
CA MET B 151 8.70 9.94 -17.44
C MET B 151 9.65 9.38 -18.48
N VAL B 152 9.71 8.04 -18.62
CA VAL B 152 10.59 7.34 -19.56
C VAL B 152 9.77 6.97 -20.78
N MET B 153 9.93 7.75 -21.87
CA MET B 153 9.18 7.62 -23.14
C MET B 153 10.02 7.15 -24.30
N GLU B 154 9.39 6.81 -25.44
CA GLU B 154 10.13 6.45 -26.66
C GLU B 154 10.64 7.74 -27.28
N TYR B 155 11.93 7.72 -27.68
CA TYR B 155 12.57 8.92 -28.24
C TYR B 155 12.09 9.19 -29.68
N MET B 156 11.73 10.47 -29.96
CA MET B 156 11.28 10.89 -31.28
C MET B 156 12.47 11.57 -32.00
N PRO B 157 13.32 10.81 -32.73
CA PRO B 157 14.51 11.41 -33.33
C PRO B 157 14.29 12.47 -34.41
N GLY B 158 13.09 12.50 -34.99
CA GLY B 158 12.74 13.45 -36.05
C GLY B 158 12.59 14.88 -35.57
N GLY B 159 12.49 15.05 -34.27
CA GLY B 159 12.34 16.38 -33.70
C GLY B 159 10.92 16.87 -33.80
N ASP B 160 10.70 18.14 -33.42
CA ASP B 160 9.37 18.73 -33.45
C ASP B 160 9.10 19.49 -34.75
N LEU B 161 7.81 19.82 -34.96
CA LEU B 161 7.32 20.56 -36.13
C LEU B 161 7.83 22.01 -36.17
N VAL B 162 8.22 22.55 -34.99
CA VAL B 162 8.74 23.91 -34.90
C VAL B 162 10.10 24.00 -35.60
N ASN B 163 10.88 22.91 -35.50
CA ASN B 163 12.18 22.75 -36.14
C ASN B 163 11.96 22.59 -37.64
N LEU B 164 10.97 21.75 -38.07
CA LEU B 164 10.71 21.53 -39.50
C LEU B 164 10.35 22.84 -40.21
N MET B 165 9.45 23.59 -39.58
CA MET B 165 8.92 24.82 -40.08
C MET B 165 9.97 25.89 -40.20
N SER B 166 10.93 25.90 -39.26
CA SER B 166 12.06 26.83 -39.23
C SER B 166 13.16 26.48 -40.25
N ASN B 167 13.06 25.31 -40.92
CA ASN B 167 14.06 24.85 -41.88
C ASN B 167 13.53 24.71 -43.30
N TYR B 168 12.20 24.84 -43.49
CA TYR B 168 11.54 24.70 -44.77
C TYR B 168 10.42 25.71 -44.94
N ASP B 169 10.20 26.15 -46.18
CA ASP B 169 9.02 26.97 -46.52
C ASP B 169 8.04 25.87 -46.90
N VAL B 170 7.28 25.38 -45.91
CA VAL B 170 6.37 24.24 -46.03
C VAL B 170 5.45 24.32 -47.26
N PRO B 171 5.65 23.46 -48.29
CA PRO B 171 4.70 23.47 -49.42
C PRO B 171 3.33 23.00 -48.94
N GLU B 172 2.26 23.39 -49.66
CA GLU B 172 0.90 23.04 -49.25
C GLU B 172 0.72 21.54 -49.18
N LYS B 173 1.33 20.79 -50.14
CA LYS B 173 1.25 19.33 -50.12
C LYS B 173 1.73 18.72 -48.79
N TRP B 174 2.81 19.27 -48.18
CA TRP B 174 3.34 18.82 -46.89
C TRP B 174 2.39 19.22 -45.75
N ALA B 175 1.91 20.48 -45.76
CA ALA B 175 0.99 21.03 -44.77
C ALA B 175 -0.25 20.17 -44.71
N ARG B 176 -0.76 19.72 -45.88
CA ARG B 176 -1.91 18.82 -45.95
C ARG B 176 -1.65 17.56 -45.12
N PHE B 177 -0.50 16.88 -45.37
CA PHE B 177 -0.04 15.69 -44.65
C PHE B 177 -0.02 15.93 -43.14
N TYR B 178 0.78 16.92 -42.69
CA TYR B 178 0.94 17.26 -41.27
C TYR B 178 -0.39 17.61 -40.60
N THR B 179 -1.21 18.51 -41.21
CA THR B 179 -2.55 18.85 -40.69
C THR B 179 -3.40 17.58 -40.48
N ALA B 180 -3.55 16.74 -41.55
CA ALA B 180 -4.28 15.47 -41.58
C ALA B 180 -3.85 14.54 -40.44
N GLU B 181 -2.50 14.34 -40.27
CA GLU B 181 -1.93 13.51 -39.18
C GLU B 181 -2.34 14.06 -37.82
N VAL B 182 -2.28 15.41 -37.65
CA VAL B 182 -2.69 16.11 -36.42
C VAL B 182 -4.18 15.87 -36.14
N VAL B 183 -5.04 15.86 -37.19
CA VAL B 183 -6.48 15.61 -37.07
C VAL B 183 -6.67 14.17 -36.52
N LEU B 184 -5.94 13.20 -37.09
CA LEU B 184 -6.02 11.80 -36.66
C LEU B 184 -5.53 11.64 -35.22
N ALA B 185 -4.42 12.35 -34.91
CA ALA B 185 -3.81 12.33 -33.60
C ALA B 185 -4.76 12.90 -32.56
N LEU B 186 -5.34 14.09 -32.80
CA LEU B 186 -6.28 14.72 -31.87
C LEU B 186 -7.51 13.87 -31.65
N ASP B 187 -8.04 13.29 -32.75
CA ASP B 187 -9.22 12.44 -32.71
C ASP B 187 -9.01 11.29 -31.72
N ALA B 188 -7.82 10.64 -31.77
CA ALA B 188 -7.40 9.54 -30.89
C ALA B 188 -7.49 9.94 -29.39
N ILE B 189 -6.99 11.16 -29.06
CA ILE B 189 -7.01 11.78 -27.72
C ILE B 189 -8.47 12.03 -27.29
N HIS B 190 -9.27 12.63 -28.20
CA HIS B 190 -10.68 12.90 -27.96
C HIS B 190 -11.40 11.60 -27.66
N SER B 191 -11.07 10.53 -28.42
CA SER B 191 -11.63 9.19 -28.26
C SER B 191 -11.33 8.63 -26.86
N MET B 192 -10.15 8.97 -26.32
CA MET B 192 -9.70 8.57 -24.99
C MET B 192 -10.44 9.37 -23.92
N GLY B 193 -11.14 10.43 -24.33
CA GLY B 193 -11.90 11.30 -23.44
C GLY B 193 -11.13 12.52 -22.98
N PHE B 194 -10.22 13.00 -23.81
CA PHE B 194 -9.41 14.14 -23.46
C PHE B 194 -9.41 15.23 -24.48
N ILE B 195 -9.31 16.47 -23.97
CA ILE B 195 -9.14 17.69 -24.74
C ILE B 195 -7.70 18.13 -24.41
N HIS B 196 -6.93 18.53 -25.44
CA HIS B 196 -5.56 18.99 -25.32
C HIS B 196 -5.48 20.44 -24.86
N ARG B 197 -6.35 21.29 -25.40
CA ARG B 197 -6.43 22.70 -25.00
C ARG B 197 -5.40 23.65 -25.60
N ASP B 198 -4.12 23.31 -25.55
CA ASP B 198 -3.11 24.19 -26.12
C ASP B 198 -2.23 23.39 -27.06
N VAL B 199 -2.81 23.01 -28.19
CA VAL B 199 -2.08 22.31 -29.22
C VAL B 199 -1.14 23.26 -29.91
N LYS B 200 0.00 22.75 -30.35
CA LYS B 200 0.98 23.59 -31.03
C LYS B 200 2.11 22.81 -31.70
N PRO B 201 2.85 23.40 -32.66
CA PRO B 201 3.98 22.68 -33.29
C PRO B 201 5.01 22.10 -32.32
N ASP B 202 5.13 22.68 -31.12
CA ASP B 202 6.03 22.25 -30.06
C ASP B 202 5.69 20.87 -29.56
N ASN B 203 4.38 20.49 -29.63
CA ASN B 203 3.83 19.20 -29.18
C ASN B 203 3.71 18.17 -30.28
N MET B 204 4.04 18.58 -31.52
CA MET B 204 4.02 17.69 -32.69
C MET B 204 5.45 17.13 -32.85
N LEU B 205 5.61 15.81 -32.65
CA LEU B 205 6.92 15.16 -32.70
C LEU B 205 6.98 14.21 -33.86
N LEU B 206 8.17 14.06 -34.47
CA LEU B 206 8.35 13.19 -35.63
C LEU B 206 9.21 11.96 -35.30
N ASP B 207 8.75 10.77 -35.70
CA ASP B 207 9.46 9.52 -35.44
C ASP B 207 10.66 9.25 -36.37
N LYS B 208 11.22 8.03 -36.28
CA LYS B 208 12.34 7.62 -37.13
C LYS B 208 11.97 7.73 -38.62
N SER B 209 10.66 7.66 -38.93
CA SER B 209 10.04 7.65 -40.25
C SER B 209 9.46 8.96 -40.69
N GLY B 210 9.47 9.94 -39.82
CA GLY B 210 8.92 11.27 -40.14
C GLY B 210 7.42 11.40 -39.93
N HIS B 211 6.80 10.37 -39.33
CA HIS B 211 5.36 10.38 -39.00
C HIS B 211 5.14 11.04 -37.65
N LEU B 212 3.95 11.60 -37.48
CA LEU B 212 3.62 12.39 -36.30
C LEU B 212 3.14 11.60 -35.09
N LYS B 213 3.40 12.18 -33.92
CA LYS B 213 2.99 11.79 -32.60
C LYS B 213 2.83 13.08 -31.76
N LEU B 214 1.80 13.11 -30.91
CA LEU B 214 1.58 14.24 -30.01
C LEU B 214 2.30 13.95 -28.73
N ALA B 215 2.82 14.99 -28.10
CA ALA B 215 3.51 14.94 -26.83
C ALA B 215 3.19 16.18 -25.95
N ASP B 216 3.73 16.23 -24.71
CA ASP B 216 3.56 17.34 -23.75
C ASP B 216 2.06 17.61 -23.47
N PHE B 217 1.40 16.64 -22.84
CA PHE B 217 -0.03 16.69 -22.53
C PHE B 217 -0.26 17.30 -21.15
N GLY B 218 0.39 18.44 -20.90
CA GLY B 218 0.32 19.18 -19.64
C GLY B 218 -1.02 19.86 -19.44
N THR B 219 -1.39 20.70 -20.43
CA THR B 219 -2.64 21.48 -20.58
C THR B 219 -3.88 20.56 -20.74
N CYS B 220 -3.63 19.24 -21.00
CA CYS B 220 -4.63 18.17 -21.18
C CYS B 220 -5.57 18.03 -20.00
N MET B 221 -6.83 17.69 -20.29
CA MET B 221 -7.88 17.54 -19.28
C MET B 221 -8.95 16.54 -19.72
N LYS B 222 -9.56 15.79 -18.75
CA LYS B 222 -10.59 14.79 -19.09
C LYS B 222 -12.00 15.39 -19.12
N MET B 223 -12.75 15.07 -20.19
CA MET B 223 -14.11 15.54 -20.45
C MET B 223 -15.10 14.89 -19.53
N ASN B 224 -16.19 15.63 -19.25
CA ASN B 224 -17.31 15.25 -18.41
C ASN B 224 -18.35 14.43 -19.20
N LYS B 225 -19.56 14.22 -18.60
CA LYS B 225 -20.70 13.50 -19.18
C LYS B 225 -21.01 13.99 -20.62
N GLU B 226 -21.08 15.33 -20.80
CA GLU B 226 -21.43 15.99 -22.05
C GLU B 226 -20.22 16.26 -23.00
N GLY B 227 -19.07 15.63 -22.72
CA GLY B 227 -17.84 15.82 -23.51
C GLY B 227 -17.30 17.25 -23.42
N MET B 228 -17.46 17.83 -22.23
CA MET B 228 -17.10 19.19 -21.87
C MET B 228 -16.09 19.22 -20.73
N VAL B 229 -15.34 20.32 -20.64
CA VAL B 229 -14.37 20.52 -19.57
C VAL B 229 -14.41 21.98 -19.10
N ARG B 230 -14.43 22.17 -17.78
CA ARG B 230 -14.51 23.46 -17.10
C ARG B 230 -13.16 23.76 -16.45
N CYS B 231 -12.69 25.01 -16.57
CA CYS B 231 -11.43 25.41 -15.96
C CYS B 231 -11.37 26.87 -15.56
N ASP B 232 -10.44 27.15 -14.61
CA ASP B 232 -10.14 28.47 -14.06
C ASP B 232 -8.74 28.92 -14.47
N THR B 233 -7.78 27.95 -14.50
CA THR B 233 -6.33 28.08 -14.75
C THR B 233 -5.96 29.08 -15.82
N ALA B 234 -5.16 30.08 -15.38
CA ALA B 234 -4.61 31.12 -16.21
C ALA B 234 -3.65 30.42 -17.17
N VAL B 235 -3.78 30.73 -18.47
CA VAL B 235 -2.97 30.07 -19.50
C VAL B 235 -2.12 31.11 -20.24
N GLY B 236 -0.83 30.84 -20.31
CA GLY B 236 0.16 31.71 -20.96
C GLY B 236 0.51 31.25 -22.36
N THR B 237 1.06 32.19 -23.16
CA THR B 237 1.45 32.04 -24.58
C THR B 237 0.17 31.69 -25.37
N PRO B 238 -0.69 32.73 -25.51
CA PRO B 238 -2.03 32.51 -26.09
C PRO B 238 -2.11 32.28 -27.58
N ASP B 239 -0.97 32.29 -28.29
CA ASP B 239 -0.87 32.20 -29.74
C ASP B 239 -1.78 31.14 -30.40
N TYR B 240 -1.87 29.92 -29.84
CA TYR B 240 -2.74 28.85 -30.36
C TYR B 240 -4.06 28.70 -29.61
N ILE B 241 -4.19 29.31 -28.43
CA ILE B 241 -5.40 29.24 -27.62
C ILE B 241 -6.63 29.83 -28.36
N SER B 242 -7.73 29.07 -28.25
CA SER B 242 -9.07 29.30 -28.77
C SER B 242 -9.77 30.38 -27.93
N PRO B 243 -10.60 31.28 -28.53
CA PRO B 243 -11.22 32.34 -27.74
C PRO B 243 -12.05 31.86 -26.56
N GLU B 244 -12.60 30.61 -26.60
CA GLU B 244 -13.40 30.03 -25.48
C GLU B 244 -12.53 29.64 -24.31
N VAL B 245 -11.33 29.14 -24.58
CA VAL B 245 -10.41 28.73 -23.53
C VAL B 245 -9.82 29.98 -22.91
N LEU B 246 -9.62 31.04 -23.71
CA LEU B 246 -9.16 32.34 -23.19
C LEU B 246 -10.25 32.99 -22.30
N LYS B 247 -11.54 33.04 -22.79
CA LYS B 247 -12.73 33.55 -22.07
C LYS B 247 -12.83 32.89 -20.69
N SER B 248 -12.48 31.57 -20.62
CA SER B 248 -12.52 30.75 -19.41
C SER B 248 -11.32 31.03 -18.51
N GLN B 249 -11.60 31.73 -17.40
CA GLN B 249 -10.66 32.16 -16.36
C GLN B 249 -11.49 32.39 -15.12
N GLY B 250 -11.30 31.53 -14.13
CA GLY B 250 -12.01 31.60 -12.85
C GLY B 250 -13.07 30.52 -12.64
N GLY B 251 -13.30 29.71 -13.66
CA GLY B 251 -14.30 28.64 -13.63
C GLY B 251 -15.52 28.94 -14.47
N ASP B 252 -15.65 30.22 -14.92
CA ASP B 252 -16.75 30.64 -15.79
C ASP B 252 -16.39 30.18 -17.19
N GLY B 253 -16.92 29.03 -17.58
CA GLY B 253 -16.63 28.48 -18.90
C GLY B 253 -16.50 26.98 -18.98
N TYR B 254 -17.42 26.40 -19.72
CA TYR B 254 -17.46 24.99 -20.06
C TYR B 254 -17.32 25.02 -21.56
N TYR B 255 -16.33 24.30 -22.06
CA TYR B 255 -16.00 24.16 -23.48
C TYR B 255 -15.79 22.70 -23.86
N GLY B 256 -15.88 22.43 -25.17
CA GLY B 256 -15.69 21.11 -25.75
C GLY B 256 -14.44 20.97 -26.59
N ARG B 257 -14.34 19.85 -27.32
CA ARG B 257 -13.21 19.51 -28.17
C ARG B 257 -12.99 20.48 -29.33
N GLU B 258 -14.00 21.29 -29.67
CA GLU B 258 -13.97 22.30 -30.72
C GLU B 258 -12.72 23.21 -30.63
N CYS B 259 -12.25 23.49 -29.39
CA CYS B 259 -11.07 24.31 -29.09
C CYS B 259 -9.77 23.77 -29.72
N ASP B 260 -9.65 22.43 -29.84
CA ASP B 260 -8.46 21.81 -30.44
C ASP B 260 -8.46 21.98 -31.95
N TRP B 261 -9.63 22.22 -32.55
CA TRP B 261 -9.70 22.46 -33.97
C TRP B 261 -9.26 23.87 -34.28
N TRP B 262 -9.56 24.84 -33.37
CA TRP B 262 -9.12 26.24 -33.50
C TRP B 262 -7.60 26.22 -33.68
N SER B 263 -6.90 25.50 -32.79
CA SER B 263 -5.47 25.35 -32.78
C SER B 263 -4.96 24.71 -34.09
N VAL B 264 -5.72 23.74 -34.69
CA VAL B 264 -5.31 23.13 -35.96
C VAL B 264 -5.23 24.23 -37.04
N GLY B 265 -6.24 25.10 -37.08
CA GLY B 265 -6.32 26.22 -38.00
C GLY B 265 -5.14 27.17 -37.86
N VAL B 266 -4.74 27.44 -36.61
CA VAL B 266 -3.59 28.29 -36.28
C VAL B 266 -2.31 27.61 -36.83
N PHE B 267 -2.18 26.28 -36.63
CA PHE B 267 -1.04 25.51 -37.09
C PHE B 267 -0.97 25.50 -38.61
N LEU B 268 -2.12 25.29 -39.30
CA LEU B 268 -2.20 25.30 -40.78
C LEU B 268 -1.80 26.67 -41.31
N TYR B 269 -2.24 27.74 -40.63
CA TYR B 269 -1.93 29.13 -40.98
C TYR B 269 -0.42 29.36 -40.92
N GLU B 270 0.20 29.07 -39.77
CA GLU B 270 1.60 29.27 -39.52
C GLU B 270 2.45 28.50 -40.51
N MET B 271 2.03 27.28 -40.90
CA MET B 271 2.81 26.51 -41.86
C MET B 271 2.87 27.18 -43.22
N LEU B 272 1.71 27.56 -43.76
CA LEU B 272 1.59 28.19 -45.07
C LEU B 272 1.96 29.67 -45.12
N VAL B 273 1.63 30.45 -44.07
CA VAL B 273 1.90 31.90 -44.04
C VAL B 273 3.29 32.20 -43.50
N GLY B 274 3.71 31.49 -42.46
CA GLY B 274 5.03 31.73 -41.92
C GLY B 274 5.05 32.29 -40.52
N ASP B 275 3.92 32.93 -40.12
CA ASP B 275 3.72 33.50 -38.78
C ASP B 275 2.37 33.08 -38.28
N THR B 276 2.13 33.27 -36.97
CA THR B 276 0.87 32.96 -36.31
C THR B 276 -0.15 34.05 -36.67
N PRO B 277 -1.43 33.67 -36.89
CA PRO B 277 -2.41 34.65 -37.37
C PRO B 277 -2.70 35.78 -36.41
N PHE B 278 -2.48 35.57 -35.10
CA PHE B 278 -2.78 36.58 -34.07
C PHE B 278 -1.54 37.07 -33.32
N TYR B 279 -0.36 36.85 -33.91
CA TYR B 279 0.88 37.30 -33.29
C TYR B 279 0.89 38.80 -33.13
N ALA B 280 1.33 39.24 -31.95
CA ALA B 280 1.56 40.62 -31.53
C ALA B 280 2.71 40.59 -30.51
N ASP B 281 3.48 41.69 -30.43
CA ASP B 281 4.66 41.84 -29.54
C ASP B 281 4.38 41.28 -28.15
N SER B 282 3.48 41.96 -27.41
CA SER B 282 3.05 41.56 -26.07
C SER B 282 2.06 40.39 -26.13
N LEU B 283 2.08 39.55 -25.07
CA LEU B 283 1.18 38.41 -24.92
C LEU B 283 -0.25 38.90 -24.79
N VAL B 284 -0.44 40.10 -24.22
CA VAL B 284 -1.74 40.73 -24.06
C VAL B 284 -2.30 41.10 -25.44
N GLY B 285 -1.40 41.50 -26.36
CA GLY B 285 -1.69 41.86 -27.75
C GLY B 285 -2.12 40.66 -28.53
N THR B 286 -1.49 39.51 -28.26
CA THR B 286 -1.87 38.25 -28.91
C THR B 286 -3.31 37.91 -28.48
N TYR B 287 -3.61 37.98 -27.13
CA TYR B 287 -4.92 37.76 -26.51
C TYR B 287 -5.94 38.67 -27.17
N SER B 288 -5.65 40.00 -27.26
CA SER B 288 -6.51 41.01 -27.87
C SER B 288 -6.86 40.61 -29.30
N LYS B 289 -5.84 40.30 -30.14
CA LYS B 289 -6.02 39.87 -31.52
C LYS B 289 -6.88 38.64 -31.62
N ILE B 290 -6.73 37.67 -30.68
CA ILE B 290 -7.51 36.42 -30.68
C ILE B 290 -9.01 36.71 -30.50
N MET B 291 -9.35 37.49 -29.45
CA MET B 291 -10.73 37.85 -29.15
C MET B 291 -11.38 38.60 -30.29
N ASN B 292 -10.57 39.31 -31.09
CA ASN B 292 -11.06 40.01 -32.25
C ASN B 292 -10.68 39.30 -33.56
N HIS B 293 -10.67 37.95 -33.55
CA HIS B 293 -10.36 37.13 -34.73
C HIS B 293 -11.18 37.56 -35.97
N LYS B 294 -12.49 37.91 -35.76
CA LYS B 294 -13.42 38.35 -36.80
C LYS B 294 -12.77 39.40 -37.73
N ASN B 295 -12.18 40.46 -37.13
CA ASN B 295 -11.54 41.54 -37.88
C ASN B 295 -10.00 41.46 -37.97
N SER B 296 -9.34 40.70 -37.07
CA SER B 296 -7.87 40.60 -37.05
C SER B 296 -7.27 39.54 -38.03
N LEU B 297 -8.07 38.49 -38.38
CA LEU B 297 -7.60 37.45 -39.32
C LEU B 297 -7.53 38.04 -40.75
N THR B 298 -6.31 38.05 -41.29
CA THR B 298 -5.98 38.57 -42.62
C THR B 298 -4.94 37.67 -43.27
N PHE B 299 -4.91 37.62 -44.60
CA PHE B 299 -3.96 36.81 -45.34
C PHE B 299 -3.09 37.70 -46.19
N PRO B 300 -1.81 37.35 -46.39
CA PRO B 300 -0.93 38.22 -47.19
C PRO B 300 -1.35 38.26 -48.65
N ASP B 301 -0.98 39.36 -49.34
CA ASP B 301 -1.31 39.71 -50.74
C ASP B 301 -0.51 38.92 -51.84
N ASP B 302 -0.04 37.70 -51.50
CA ASP B 302 0.66 36.83 -52.43
C ASP B 302 -0.26 35.64 -52.66
N ASN B 303 -0.68 35.43 -53.95
CA ASN B 303 -1.58 34.38 -54.49
C ASN B 303 -1.40 32.94 -53.90
N ASP B 304 -0.21 32.68 -53.27
CA ASP B 304 0.32 31.44 -52.69
C ASP B 304 -0.65 30.59 -51.92
N ILE B 305 -1.49 31.14 -51.05
CA ILE B 305 -2.42 30.23 -50.35
C ILE B 305 -3.57 29.86 -51.30
N SER B 306 -3.87 28.57 -51.36
CA SER B 306 -4.90 28.00 -52.20
C SER B 306 -6.23 28.35 -51.62
N LYS B 307 -7.25 28.33 -52.46
CA LYS B 307 -8.57 28.71 -52.00
C LYS B 307 -9.01 27.76 -50.90
N GLU B 308 -8.74 26.47 -51.08
CA GLU B 308 -9.18 25.49 -50.10
C GLU B 308 -8.55 25.74 -48.77
N ALA B 309 -7.26 26.03 -48.77
CA ALA B 309 -6.56 26.23 -47.52
C ALA B 309 -7.14 27.42 -46.79
N LYS B 310 -7.44 28.47 -47.54
CA LYS B 310 -7.98 29.66 -46.90
C LYS B 310 -9.30 29.34 -46.25
N ASN B 311 -10.12 28.56 -46.96
CA ASN B 311 -11.41 28.19 -46.41
C ASN B 311 -11.27 27.35 -45.16
N LEU B 312 -10.34 26.42 -45.20
CA LEU B 312 -10.12 25.52 -44.06
C LEU B 312 -9.64 26.33 -42.86
N ILE B 313 -8.65 27.21 -43.05
CA ILE B 313 -8.12 28.07 -42.01
C ILE B 313 -9.27 28.85 -41.37
N CYS B 314 -10.14 29.43 -42.19
CA CYS B 314 -11.25 30.25 -41.74
C CYS B 314 -12.37 29.46 -41.14
N ALA B 315 -12.53 28.19 -41.58
CA ALA B 315 -13.54 27.25 -41.05
C ALA B 315 -13.20 26.84 -39.62
N PHE B 316 -11.89 26.91 -39.27
CA PHE B 316 -11.37 26.58 -37.95
C PHE B 316 -11.19 27.81 -37.10
N LEU B 317 -10.98 28.97 -37.75
CA LEU B 317 -10.71 30.25 -37.08
C LEU B 317 -11.96 31.12 -37.00
N THR B 318 -13.07 30.47 -36.59
CA THR B 318 -14.40 31.08 -36.36
C THR B 318 -14.84 30.81 -34.91
N ASP B 319 -15.98 31.40 -34.50
CA ASP B 319 -16.54 31.19 -33.16
C ASP B 319 -17.02 29.76 -33.04
N ARG B 320 -16.85 29.17 -31.84
CA ARG B 320 -17.16 27.77 -31.52
C ARG B 320 -18.41 27.23 -32.24
N GLU B 321 -19.52 27.98 -32.16
CA GLU B 321 -20.86 27.67 -32.67
C GLU B 321 -20.91 27.36 -34.16
N VAL B 322 -19.93 27.86 -34.96
CA VAL B 322 -19.86 27.64 -36.41
C VAL B 322 -18.56 26.95 -36.86
N ARG B 323 -17.75 26.52 -35.90
CA ARG B 323 -16.47 25.86 -36.19
C ARG B 323 -16.59 24.53 -36.94
N LEU B 324 -15.71 24.32 -37.93
CA LEU B 324 -15.67 23.04 -38.60
C LEU B 324 -15.17 22.07 -37.54
N GLY B 325 -15.89 20.98 -37.35
CA GLY B 325 -15.58 20.02 -36.31
C GLY B 325 -16.56 20.05 -35.15
N ARG B 326 -17.54 20.99 -35.20
CA ARG B 326 -18.57 21.08 -34.17
C ARG B 326 -19.50 19.86 -34.33
N ASN B 327 -19.57 19.30 -35.56
CA ASN B 327 -20.38 18.12 -35.87
C ASN B 327 -19.54 16.83 -36.09
N GLY B 328 -18.32 16.84 -35.54
CA GLY B 328 -17.42 15.70 -35.60
C GLY B 328 -16.29 15.80 -36.58
N VAL B 329 -15.31 14.87 -36.48
CA VAL B 329 -14.12 14.77 -37.35
C VAL B 329 -14.48 14.55 -38.80
N GLU B 330 -15.52 13.75 -39.08
CA GLU B 330 -15.87 13.42 -40.46
C GLU B 330 -16.14 14.66 -41.31
N GLU B 331 -16.72 15.74 -40.73
CA GLU B 331 -16.91 16.98 -41.48
C GLU B 331 -15.56 17.68 -41.76
N ILE B 332 -14.52 17.52 -40.88
CA ILE B 332 -13.17 18.06 -41.12
C ILE B 332 -12.52 17.23 -42.24
N LYS B 333 -12.61 15.89 -42.11
CA LYS B 333 -12.07 14.91 -43.02
C LYS B 333 -12.58 15.12 -44.43
N ARG B 334 -13.90 15.36 -44.58
CA ARG B 334 -14.58 15.61 -45.85
C ARG B 334 -14.15 16.92 -46.56
N HIS B 335 -13.47 17.88 -45.84
CA HIS B 335 -13.04 19.18 -46.40
C HIS B 335 -12.23 19.03 -47.66
N LEU B 336 -12.49 19.87 -48.65
CA LEU B 336 -11.79 19.82 -49.94
C LEU B 336 -10.29 20.03 -49.86
N PHE B 337 -9.81 20.72 -48.80
CA PHE B 337 -8.40 20.95 -48.62
C PHE B 337 -7.62 19.64 -48.63
N PHE B 338 -8.21 18.61 -47.98
CA PHE B 338 -7.60 17.29 -47.87
C PHE B 338 -7.70 16.48 -49.12
N LYS B 339 -8.66 16.81 -50.01
CA LYS B 339 -8.85 16.08 -51.28
C LYS B 339 -7.50 15.96 -52.01
N ASN B 340 -6.99 14.70 -52.09
CA ASN B 340 -5.69 14.42 -52.68
C ASN B 340 -5.55 13.02 -53.33
N ASP B 341 -4.40 12.82 -54.02
CA ASP B 341 -4.04 11.61 -54.76
C ASP B 341 -2.83 10.85 -54.18
N GLN B 342 -2.31 11.31 -53.03
CA GLN B 342 -1.14 10.66 -52.43
C GLN B 342 -1.49 9.70 -51.27
N TRP B 343 -2.59 9.97 -50.53
CA TRP B 343 -2.99 9.17 -49.38
C TRP B 343 -4.50 9.10 -49.13
N ALA B 344 -4.91 8.08 -48.36
CA ALA B 344 -6.28 7.89 -47.91
C ALA B 344 -6.20 8.01 -46.43
N TRP B 345 -7.23 8.57 -45.78
CA TRP B 345 -7.21 8.75 -44.32
C TRP B 345 -6.88 7.45 -43.59
N GLU B 346 -7.51 6.36 -44.01
CA GLU B 346 -7.40 5.01 -43.45
C GLU B 346 -6.01 4.41 -43.57
N THR B 347 -5.14 4.98 -44.41
CA THR B 347 -3.82 4.42 -44.63
C THR B 347 -2.71 5.50 -44.61
N LEU B 348 -3.05 6.73 -44.17
CA LEU B 348 -2.13 7.87 -44.16
C LEU B 348 -0.81 7.61 -43.44
N ARG B 349 -0.85 6.94 -42.26
CA ARG B 349 0.39 6.70 -41.50
C ARG B 349 1.23 5.56 -42.10
N ASP B 350 0.66 4.86 -43.08
CA ASP B 350 1.38 3.80 -43.77
C ASP B 350 2.05 4.38 -45.02
N THR B 351 1.73 5.64 -45.36
CA THR B 351 2.36 6.33 -46.51
C THR B 351 3.80 6.78 -46.17
N VAL B 352 4.53 7.22 -47.19
CA VAL B 352 5.91 7.68 -47.00
C VAL B 352 5.87 9.19 -46.69
N ALA B 353 6.16 9.53 -45.43
CA ALA B 353 6.15 10.90 -44.91
C ALA B 353 6.93 11.91 -45.82
N PRO B 354 6.58 13.24 -45.83
CA PRO B 354 7.28 14.18 -46.72
C PRO B 354 8.72 14.43 -46.32
N VAL B 355 9.07 14.28 -45.03
CA VAL B 355 10.45 14.50 -44.56
C VAL B 355 10.96 13.30 -43.75
N VAL B 356 11.65 12.37 -44.43
CA VAL B 356 12.19 11.20 -43.76
C VAL B 356 13.55 11.51 -43.12
N PRO B 357 13.65 11.49 -41.77
CA PRO B 357 14.96 11.81 -41.14
C PRO B 357 16.07 10.80 -41.44
N ASP B 358 17.24 11.27 -41.91
CA ASP B 358 18.43 10.46 -42.15
C ASP B 358 19.20 10.59 -40.83
N LEU B 359 19.27 9.51 -40.05
CA LEU B 359 19.90 9.58 -38.73
C LEU B 359 21.18 8.74 -38.62
N SER B 360 22.21 9.29 -37.94
CA SER B 360 23.55 8.75 -37.76
C SER B 360 23.69 7.62 -36.75
N SER B 361 22.84 7.61 -35.72
CA SER B 361 22.90 6.61 -34.66
C SER B 361 21.55 6.51 -33.97
N ASP B 362 21.47 5.63 -32.98
CA ASP B 362 20.29 5.45 -32.14
C ASP B 362 20.18 6.66 -31.19
N ILE B 363 21.26 7.46 -31.10
CA ILE B 363 21.35 8.64 -30.26
C ILE B 363 21.62 9.95 -31.07
N ASP B 364 21.24 9.97 -32.36
CA ASP B 364 21.38 11.15 -33.23
C ASP B 364 20.42 12.27 -32.75
N THR B 365 20.97 13.34 -32.19
CA THR B 365 20.19 14.47 -31.65
C THR B 365 20.15 15.72 -32.58
N SER B 366 20.53 15.55 -33.89
CA SER B 366 20.63 16.62 -34.90
C SER B 366 19.33 17.44 -35.08
N ASN B 367 18.16 16.83 -34.81
CA ASN B 367 16.88 17.53 -34.95
C ASN B 367 16.43 18.23 -33.65
N PHE B 368 17.33 18.29 -32.66
CA PHE B 368 17.06 18.94 -31.37
C PHE B 368 18.13 19.99 -31.13
N ASP B 369 17.70 21.25 -30.94
CA ASP B 369 18.58 22.39 -30.72
C ASP B 369 19.46 22.18 -29.49
N ASP B 370 20.68 22.75 -29.47
CA ASP B 370 21.62 22.56 -28.36
C ASP B 370 21.17 23.20 -27.06
N LEU B 371 21.35 22.43 -25.97
CA LEU B 371 21.00 22.80 -24.62
C LEU B 371 22.24 22.60 -23.76
N GLU B 377 20.87 27.17 -9.80
CA GLU B 377 21.06 26.27 -8.66
C GLU B 377 19.79 25.51 -8.30
N GLU B 378 19.95 24.23 -7.89
CA GLU B 378 18.83 23.39 -7.51
C GLU B 378 18.29 23.71 -6.12
N GLU B 379 17.19 24.45 -6.06
CA GLU B 379 16.57 24.82 -4.79
C GLU B 379 15.97 23.60 -4.07
N THR B 380 16.02 23.62 -2.75
CA THR B 380 15.60 22.47 -1.94
C THR B 380 14.57 22.83 -0.88
N PHE B 381 13.72 21.87 -0.54
CA PHE B 381 12.65 22.08 0.41
C PHE B 381 13.15 22.42 1.82
N PRO B 382 12.42 23.41 2.49
CA PRO B 382 12.90 23.66 3.86
C PRO B 382 12.45 22.56 4.82
N ILE B 383 13.18 22.38 5.91
CA ILE B 383 12.77 21.43 6.94
C ILE B 383 11.47 21.88 7.58
N PRO B 384 10.57 20.87 7.94
CA PRO B 384 9.28 21.37 8.44
C PRO B 384 9.12 21.20 9.94
N LYS B 385 8.64 22.24 10.61
CA LYS B 385 8.42 22.19 12.05
C LYS B 385 7.39 21.14 12.40
N ALA B 386 6.32 21.05 11.62
CA ALA B 386 5.30 20.01 11.83
C ALA B 386 5.12 19.20 10.54
N PHE B 387 3.99 18.48 10.39
CA PHE B 387 3.77 17.69 9.19
C PHE B 387 3.31 18.55 8.04
N VAL B 388 4.11 18.59 6.98
CA VAL B 388 3.87 19.38 5.76
C VAL B 388 3.19 18.57 4.65
N GLY B 389 3.59 17.30 4.50
CA GLY B 389 3.06 16.38 3.52
C GLY B 389 3.36 16.78 2.08
N ASN B 390 4.58 17.28 1.85
CA ASN B 390 5.02 17.74 0.53
C ASN B 390 5.00 16.67 -0.55
N GLN B 391 5.27 15.43 -0.16
CA GLN B 391 5.31 14.29 -1.06
C GLN B 391 3.94 13.73 -1.45
N LEU B 392 2.88 14.06 -0.67
CA LEU B 392 1.52 13.54 -0.87
C LEU B 392 0.92 13.77 -2.29
N PRO B 393 1.02 14.98 -2.92
CA PRO B 393 0.43 15.15 -4.28
C PRO B 393 1.03 14.28 -5.41
N PHE B 394 2.04 13.44 -5.10
CA PHE B 394 2.72 12.59 -6.07
C PHE B 394 2.61 11.11 -5.75
N VAL B 395 1.82 10.75 -4.73
CA VAL B 395 1.62 9.35 -4.36
C VAL B 395 0.85 8.65 -5.49
N GLY B 396 1.46 7.61 -6.05
CA GLY B 396 0.85 6.77 -7.08
C GLY B 396 1.27 7.09 -8.49
N PHE B 397 2.24 8.01 -8.67
CA PHE B 397 2.74 8.40 -9.99
C PHE B 397 3.55 7.27 -10.68
N THR B 398 4.15 6.36 -9.91
CA THR B 398 4.95 5.26 -10.43
C THR B 398 4.12 4.29 -11.28
N TYR B 399 4.71 3.86 -12.43
CA TYR B 399 4.16 2.95 -13.44
C TYR B 399 5.26 2.19 -14.12
N TYR B 400 5.15 0.85 -14.22
CA TYR B 400 6.11 0.02 -14.96
C TYR B 400 5.42 -0.76 -16.10
N SER B 401 6.09 -0.96 -17.22
CA SER B 401 5.50 -1.76 -18.29
C SER B 401 6.04 -3.21 -18.20
N ASN B 402 5.86 -4.04 -19.25
CA ASN B 402 6.38 -5.40 -19.28
C ASN B 402 6.97 -5.77 -20.63
#